data_5TTF
#
_entry.id   5TTF
#
_cell.length_a   56.846
_cell.length_b   67.749
_cell.length_c   77.845
_cell.angle_alpha   92.090
_cell.angle_beta   90.050
_cell.angle_gamma   91.800
#
_symmetry.space_group_name_H-M   'P 1'
#
loop_
_entity.id
_entity.type
_entity.pdbx_description
1 polymer 'Histone-lysine N-methyltransferase EHMT2'
2 non-polymer 'ZINC ION'
3 non-polymer S-ADENOSYLMETHIONINE
4 non-polymer N4-(1-methylpiperidin-4-yl)-N2-hexyl-6,7-dimethoxyquinazoline-2,4-diamine
5 non-polymer 'CHLORIDE ION'
6 non-polymer 'UNKNOWN ATOM OR ION'
7 water water
#
_entity_poly.entity_id   1
_entity_poly.type   'polypeptide(L)'
_entity_poly.pdbx_seq_one_letter_code
;GSNRAIRTEKIICRDVARGYENVPIPCVNGVDGEPCPEDYKYISENCETSTMNIDRNITHLQHCTCVDDCSSSNCLCGQL
SIRCWYDKDGRLLQEFNKIEPPLIFECNQACSCWRNCKNRVVQSGIKVRLQLYRTAKMGWGVRALQTIPQGTFICEYVGE
LISDAEADVREDDSYLFDLDNKDGEVYCIDARYYGNISRFINHLCDPNIIPVRVFMLHQDLRFPRIAFFSSRDIRTGEEL
GFDYGDRFWDIKSKYFTCQCGSEKCKHSAEAIALEQSRLARLD
;
_entity_poly.pdbx_strand_id   A,B,C,D
#
# COMPACT_ATOMS: atom_id res chain seq x y z
N THR A 8 -9.54 37.29 25.64
CA THR A 8 -9.62 37.79 24.22
C THR A 8 -9.55 36.62 23.23
N GLU A 9 -10.41 36.63 22.22
CA GLU A 9 -10.31 35.70 21.10
C GLU A 9 -9.37 36.32 20.06
N LYS A 10 -8.22 35.68 19.83
CA LYS A 10 -7.18 36.19 18.93
C LYS A 10 -7.25 35.44 17.59
N ILE A 11 -7.05 36.15 16.46
CA ILE A 11 -6.91 35.50 15.15
C ILE A 11 -5.46 35.14 15.05
N ILE A 12 -5.15 33.85 15.02
CA ILE A 12 -3.76 33.40 15.02
C ILE A 12 -3.26 32.82 13.70
N CYS A 13 -4.16 32.57 12.75
CA CYS A 13 -3.79 32.29 11.35
C CYS A 13 -4.93 32.74 10.45
N ARG A 14 -4.64 33.50 9.41
CA ARG A 14 -5.70 33.92 8.46
C ARG A 14 -6.26 32.74 7.65
N ASP A 15 -5.41 31.74 7.36
CA ASP A 15 -5.83 30.61 6.53
C ASP A 15 -4.85 29.47 6.74
N VAL A 16 -5.29 28.43 7.44
CA VAL A 16 -4.42 27.28 7.70
C VAL A 16 -4.14 26.48 6.43
N ALA A 17 -4.96 26.70 5.39
CA ALA A 17 -4.76 26.01 4.10
C ALA A 17 -3.84 26.75 3.14
N ARG A 18 -3.32 27.91 3.51
CA ARG A 18 -2.36 28.68 2.69
C ARG A 18 -2.86 28.90 1.23
N GLY A 19 -4.15 29.22 1.08
CA GLY A 19 -4.73 29.50 -0.24
C GLY A 19 -5.09 28.27 -1.05
N TYR A 20 -4.97 27.06 -0.46
CA TYR A 20 -5.24 25.85 -1.24
C TYR A 20 -6.72 25.50 -1.37
N GLU A 21 -7.57 26.00 -0.49
CA GLU A 21 -8.98 25.70 -0.57
C GLU A 21 -9.70 26.81 -1.33
N ASN A 22 -10.97 26.58 -1.66
CA ASN A 22 -11.79 27.62 -2.32
C ASN A 22 -11.97 28.87 -1.45
N VAL A 23 -11.97 28.67 -0.13
CA VAL A 23 -12.15 29.73 0.86
C VAL A 23 -11.04 29.64 1.89
N PRO A 24 -10.70 30.77 2.55
CA PRO A 24 -9.78 30.65 3.69
C PRO A 24 -10.43 29.94 4.89
N ILE A 25 -9.59 29.30 5.69
CA ILE A 25 -9.99 28.64 6.93
C ILE A 25 -9.14 29.24 8.05
N PRO A 26 -9.64 30.30 8.71
CA PRO A 26 -8.86 30.92 9.75
C PRO A 26 -8.83 30.11 11.03
N CYS A 27 -7.86 30.44 11.89
CA CYS A 27 -7.71 29.83 13.18
C CYS A 27 -7.79 30.90 14.26
N VAL A 28 -8.57 30.64 15.31
CA VAL A 28 -8.67 31.54 16.47
C VAL A 28 -8.47 30.78 17.76
N ASN A 29 -8.04 31.50 18.78
CA ASN A 29 -7.92 30.92 20.11
C ASN A 29 -8.37 31.97 21.13
N GLY A 30 -9.49 31.68 21.79
CA GLY A 30 -9.96 32.49 22.92
C GLY A 30 -9.91 31.80 24.27
N VAL A 31 -9.11 30.73 24.37
CA VAL A 31 -9.04 29.89 25.58
C VAL A 31 -7.70 29.99 26.29
N ASP A 32 -6.61 29.83 25.55
CA ASP A 32 -5.27 29.73 26.13
C ASP A 32 -4.23 30.33 25.19
N GLY A 33 -2.95 30.19 25.53
CA GLY A 33 -1.85 30.70 24.75
C GLY A 33 -1.32 29.81 23.64
N GLU A 34 -1.96 28.64 23.42
CA GLU A 34 -1.51 27.66 22.41
C GLU A 34 -1.55 28.29 21.01
N PRO A 35 -0.42 28.27 20.29
CA PRO A 35 -0.38 28.94 18.99
C PRO A 35 -0.97 28.06 17.89
N CYS A 36 -1.03 28.61 16.67
CA CYS A 36 -1.55 27.88 15.52
C CYS A 36 -0.85 26.52 15.42
N PRO A 37 -1.61 25.42 15.24
CA PRO A 37 -0.95 24.11 15.13
C PRO A 37 -0.06 23.97 13.88
N GLU A 38 1.20 23.60 14.08
CA GLU A 38 2.14 23.45 12.98
C GLU A 38 2.95 22.14 13.02
N ASP A 39 2.47 21.17 13.79
CA ASP A 39 3.11 19.84 13.88
C ASP A 39 2.63 18.87 12.79
N TYR A 40 2.18 19.39 11.66
CA TYR A 40 1.70 18.60 10.53
C TYR A 40 1.86 19.47 9.26
N LYS A 41 1.69 18.84 8.10
CA LYS A 41 1.69 19.53 6.81
C LYS A 41 0.27 19.61 6.23
N TYR A 42 -0.26 20.83 6.09
CA TYR A 42 -1.56 21.00 5.47
C TYR A 42 -1.47 20.64 3.99
N ILE A 43 -2.30 19.69 3.57
CA ILE A 43 -2.48 19.26 2.17
C ILE A 43 -3.98 19.27 1.86
N SER A 44 -4.35 19.77 0.69
CA SER A 44 -5.77 19.83 0.30
C SER A 44 -6.27 18.55 -0.39
N GLU A 45 -5.34 17.71 -0.88
CA GLU A 45 -5.70 16.46 -1.53
C GLU A 45 -4.81 15.34 -0.94
N ASN A 46 -5.35 14.12 -0.95
CA ASN A 46 -4.64 12.96 -0.41
C ASN A 46 -3.25 12.85 -1.03
N CYS A 47 -2.28 12.47 -0.20
CA CYS A 47 -0.90 12.29 -0.66
C CYS A 47 -0.50 10.82 -0.46
N GLU A 48 0.58 10.41 -1.12
CA GLU A 48 1.18 9.08 -0.93
C GLU A 48 2.63 9.22 -0.45
N THR A 49 3.08 8.34 0.42
CA THR A 49 4.52 8.26 0.81
C THR A 49 5.20 6.92 0.42
N SER A 50 4.50 6.09 -0.32
CA SER A 50 5.04 4.87 -0.93
C SER A 50 4.09 4.52 -2.06
N THR A 51 4.47 3.59 -2.92
CA THR A 51 3.73 3.32 -4.15
C THR A 51 2.45 2.58 -3.85
N MET A 52 1.31 3.20 -4.11
CA MET A 52 0.02 2.57 -3.91
C MET A 52 -0.57 1.94 -5.17
N ASN A 53 -0.05 2.29 -6.34
CA ASN A 53 -0.49 1.75 -7.63
C ASN A 53 -2.00 1.88 -7.81
N ILE A 54 -2.48 3.12 -7.63
CA ILE A 54 -3.88 3.41 -7.81
C ILE A 54 -4.18 3.24 -9.28
N ASP A 55 -5.28 2.56 -9.61
CA ASP A 55 -5.70 2.40 -11.00
C ASP A 55 -6.16 3.75 -11.61
N ARG A 56 -5.34 4.35 -12.46
CA ARG A 56 -5.63 5.63 -13.12
C ARG A 56 -5.88 5.52 -14.63
N ASN A 57 -6.05 4.30 -15.14
CA ASN A 57 -6.26 4.07 -16.55
C ASN A 57 -7.64 4.63 -16.94
N ILE A 58 -7.64 5.65 -17.80
CA ILE A 58 -8.86 6.36 -18.19
C ILE A 58 -9.92 5.43 -18.84
N THR A 59 -9.47 4.36 -19.50
CA THR A 59 -10.37 3.39 -20.14
C THR A 59 -11.07 2.47 -19.10
N HIS A 60 -10.55 2.43 -17.87
CA HIS A 60 -11.22 1.65 -16.79
C HIS A 60 -12.31 2.43 -16.10
N LEU A 61 -12.52 3.71 -16.46
CA LEU A 61 -13.59 4.50 -15.84
C LEU A 61 -14.97 4.16 -16.40
N GLN A 62 -15.93 3.91 -15.50
CA GLN A 62 -17.35 4.01 -15.87
C GLN A 62 -17.73 5.47 -16.00
N HIS A 63 -18.57 5.76 -16.97
CA HIS A 63 -18.81 7.12 -17.39
C HIS A 63 -20.12 7.19 -18.14
N CYS A 64 -20.70 8.38 -18.19
CA CYS A 64 -22.00 8.60 -18.82
C CYS A 64 -21.92 9.23 -20.19
N THR A 65 -23.02 9.08 -20.93
CA THR A 65 -23.16 9.65 -22.26
C THR A 65 -24.07 10.91 -22.28
N CYS A 66 -24.36 11.51 -21.14
CA CYS A 66 -25.23 12.71 -21.06
C CYS A 66 -24.63 13.96 -21.68
N VAL A 67 -25.46 14.79 -22.35
CA VAL A 67 -25.07 16.19 -22.70
C VAL A 67 -25.99 17.26 -22.07
N ASP A 68 -26.91 16.84 -21.22
CA ASP A 68 -27.65 17.74 -20.37
C ASP A 68 -26.83 17.91 -19.08
N ASP A 69 -27.44 18.43 -18.00
CA ASP A 69 -26.73 18.61 -16.73
C ASP A 69 -26.59 17.36 -15.85
N CYS A 70 -26.71 16.16 -16.44
CA CYS A 70 -26.79 14.89 -15.65
C CYS A 70 -27.87 14.82 -14.56
N SER A 71 -29.02 15.44 -14.79
CA SER A 71 -30.14 15.32 -13.82
C SER A 71 -31.18 14.24 -14.18
N SER A 72 -31.09 13.64 -15.36
CA SER A 72 -32.05 12.58 -15.77
C SER A 72 -31.65 11.24 -15.14
N SER A 73 -32.57 10.27 -15.19
CA SER A 73 -32.30 8.91 -14.72
C SER A 73 -31.56 8.05 -15.76
N ASN A 74 -31.25 8.60 -16.93
CA ASN A 74 -30.43 7.92 -17.93
C ASN A 74 -28.93 8.07 -17.67
N CYS A 75 -28.54 8.97 -16.76
CA CYS A 75 -27.11 9.14 -16.38
C CYS A 75 -26.55 7.88 -15.73
N LEU A 76 -25.67 7.18 -16.46
CA LEU A 76 -25.01 5.97 -15.97
C LEU A 76 -24.26 6.17 -14.64
N CYS A 77 -23.62 7.33 -14.47
CA CYS A 77 -22.90 7.61 -13.20
C CYS A 77 -23.83 7.60 -11.98
N GLY A 78 -25.00 8.23 -12.08
CA GLY A 78 -26.00 8.16 -11.00
C GLY A 78 -26.52 6.74 -10.79
N GLN A 79 -26.73 6.01 -11.89
CA GLN A 79 -27.16 4.61 -11.82
C GLN A 79 -26.21 3.68 -11.04
N LEU A 80 -24.91 4.04 -10.98
CA LEU A 80 -23.98 3.27 -10.14
C LEU A 80 -24.28 3.34 -8.65
N SER A 81 -25.08 4.31 -8.22
CA SER A 81 -25.63 4.34 -6.85
C SER A 81 -27.15 4.36 -6.86
N ILE A 82 -27.75 3.61 -7.79
CA ILE A 82 -29.20 3.62 -8.07
C ILE A 82 -29.65 4.95 -8.71
N ARG A 83 -29.47 6.04 -7.98
CA ARG A 83 -29.67 7.38 -8.51
C ARG A 83 -28.57 8.30 -8.04
N CYS A 84 -28.41 9.41 -8.75
CA CYS A 84 -27.66 10.54 -8.24
C CYS A 84 -28.36 11.00 -6.98
N TRP A 85 -27.58 11.21 -5.92
CA TRP A 85 -28.15 11.59 -4.63
C TRP A 85 -28.12 13.07 -4.35
N TYR A 86 -27.63 13.86 -5.30
CA TYR A 86 -27.57 15.30 -5.13
C TYR A 86 -28.81 15.92 -5.72
N ASP A 87 -29.38 16.88 -5.01
CA ASP A 87 -30.45 17.73 -5.54
C ASP A 87 -29.86 18.86 -6.40
N LYS A 88 -30.73 19.73 -6.92
CA LYS A 88 -30.31 20.83 -7.81
C LYS A 88 -29.33 21.85 -7.20
N ASP A 89 -29.25 21.90 -5.86
CA ASP A 89 -28.29 22.77 -5.16
C ASP A 89 -27.11 21.98 -4.57
N GLY A 90 -26.91 20.74 -5.02
CA GLY A 90 -25.75 19.92 -4.61
C GLY A 90 -25.88 19.28 -3.24
N ARG A 91 -27.08 19.28 -2.67
CA ARG A 91 -27.31 18.70 -1.33
C ARG A 91 -27.85 17.30 -1.41
N LEU A 92 -27.45 16.46 -0.46
CA LEU A 92 -27.95 15.09 -0.41
C LEU A 92 -29.47 15.09 -0.29
N LEU A 93 -30.12 14.15 -0.97
CA LEU A 93 -31.58 14.00 -0.89
C LEU A 93 -32.02 13.65 0.53
N GLN A 94 -33.14 14.23 0.97
CA GLN A 94 -33.73 13.97 2.30
C GLN A 94 -33.74 12.49 2.67
N GLU A 95 -34.05 11.62 1.70
CA GLU A 95 -34.11 10.17 1.91
C GLU A 95 -32.75 9.43 1.81
N PHE A 96 -31.65 10.18 1.74
CA PHE A 96 -30.33 9.58 1.70
C PHE A 96 -30.14 8.76 2.98
N ASN A 97 -29.67 7.53 2.80
CA ASN A 97 -29.37 6.61 3.90
C ASN A 97 -28.18 7.12 4.70
N LYS A 98 -28.45 7.86 5.77
CA LYS A 98 -27.39 8.44 6.61
C LYS A 98 -26.72 7.46 7.58
N ILE A 99 -27.20 6.21 7.66
CA ILE A 99 -26.62 5.18 8.52
C ILE A 99 -25.64 4.31 7.74
N GLU A 100 -26.08 3.82 6.58
CA GLU A 100 -25.26 3.04 5.65
C GLU A 100 -25.29 3.74 4.28
N PRO A 101 -24.52 4.83 4.12
CA PRO A 101 -24.51 5.55 2.85
C PRO A 101 -24.01 4.68 1.68
N PRO A 102 -24.58 4.85 0.48
CA PRO A 102 -24.05 4.12 -0.67
C PRO A 102 -22.76 4.80 -1.18
N LEU A 103 -21.99 4.08 -2.00
CA LEU A 103 -20.82 4.64 -2.69
C LEU A 103 -21.34 5.59 -3.75
N ILE A 104 -20.73 6.76 -3.88
CA ILE A 104 -21.16 7.73 -4.87
C ILE A 104 -20.10 7.79 -5.96
N PHE A 105 -20.55 7.70 -7.20
CA PHE A 105 -19.69 7.84 -8.37
C PHE A 105 -20.03 9.16 -9.03
N GLU A 106 -19.16 10.15 -8.84
CA GLU A 106 -19.28 11.44 -9.55
C GLU A 106 -18.84 11.27 -10.99
N CYS A 107 -19.25 12.23 -11.81
CA CYS A 107 -18.84 12.26 -13.20
C CYS A 107 -17.35 12.58 -13.27
N ASN A 108 -16.76 12.22 -14.37
CA ASN A 108 -15.31 12.26 -14.49
C ASN A 108 -14.93 12.70 -15.90
N GLN A 109 -13.63 12.68 -16.14
CA GLN A 109 -13.04 13.12 -17.39
C GLN A 109 -13.42 12.24 -18.59
N ALA A 110 -13.91 11.01 -18.37
CA ALA A 110 -14.39 10.16 -19.45
C ALA A 110 -15.84 10.42 -19.83
N CYS A 111 -16.60 11.15 -19.01
CA CYS A 111 -18.01 11.44 -19.29
C CYS A 111 -18.13 12.48 -20.35
N SER A 112 -19.25 12.44 -21.10
CA SER A 112 -19.49 13.40 -22.19
C SER A 112 -20.05 14.74 -21.71
N CYS A 113 -20.50 14.78 -20.45
CA CYS A 113 -21.02 16.01 -19.85
C CYS A 113 -19.95 17.05 -19.58
N TRP A 114 -20.46 18.23 -19.23
CA TRP A 114 -19.65 19.36 -18.82
C TRP A 114 -19.18 19.25 -17.37
N ARG A 115 -18.09 19.95 -17.08
CA ARG A 115 -17.52 20.03 -15.72
C ARG A 115 -18.46 20.63 -14.65
N ASN A 116 -19.50 21.36 -15.07
CA ASN A 116 -20.48 21.93 -14.12
C ASN A 116 -21.83 21.19 -14.12
N CYS A 117 -21.83 19.91 -14.48
CA CYS A 117 -23.05 19.10 -14.36
C CYS A 117 -23.38 18.92 -12.88
N LYS A 118 -24.57 18.37 -12.63
CA LYS A 118 -25.09 18.28 -11.25
C LYS A 118 -24.52 17.10 -10.46
N ASN A 119 -23.71 16.24 -11.08
CA ASN A 119 -23.02 15.12 -10.39
C ASN A 119 -21.53 15.39 -10.10
N ARG A 120 -21.20 16.54 -9.52
CA ARG A 120 -19.78 16.93 -9.29
C ARG A 120 -19.53 17.72 -7.99
N VAL A 121 -20.34 17.45 -6.98
CA VAL A 121 -20.32 18.27 -5.74
C VAL A 121 -18.98 18.21 -4.99
N VAL A 122 -18.51 17.00 -4.73
CA VAL A 122 -17.30 16.78 -3.91
C VAL A 122 -16.05 17.23 -4.65
N GLN A 123 -15.98 16.97 -5.93
CA GLN A 123 -14.85 17.42 -6.75
C GLN A 123 -14.76 18.96 -6.86
N SER A 124 -15.84 19.67 -6.60
CA SER A 124 -15.85 21.13 -6.62
C SER A 124 -15.34 21.81 -5.34
N GLY A 125 -15.13 21.02 -4.28
CA GLY A 125 -14.44 21.48 -3.09
C GLY A 125 -15.29 22.22 -2.06
N ILE A 126 -14.61 22.82 -1.09
CA ILE A 126 -15.25 23.42 0.07
C ILE A 126 -15.98 24.69 -0.38
N LYS A 127 -17.23 24.83 0.02
CA LYS A 127 -17.98 26.06 -0.16
C LYS A 127 -18.39 26.69 1.16
N VAL A 128 -18.64 25.90 2.20
CA VAL A 128 -19.07 26.44 3.49
C VAL A 128 -17.88 27.10 4.21
N ARG A 129 -18.18 28.10 5.02
CA ARG A 129 -17.19 28.82 5.80
C ARG A 129 -17.00 28.15 7.15
N LEU A 130 -15.78 27.62 7.36
CA LEU A 130 -15.40 26.89 8.56
C LEU A 130 -14.30 27.66 9.29
N GLN A 131 -14.11 27.33 10.56
CA GLN A 131 -13.06 27.93 11.37
C GLN A 131 -12.48 26.90 12.33
N LEU A 132 -11.16 26.89 12.42
CA LEU A 132 -10.42 26.09 13.40
C LEU A 132 -10.35 26.96 14.64
N TYR A 133 -10.74 26.38 15.78
CA TYR A 133 -10.82 27.16 17.03
C TYR A 133 -10.43 26.31 18.22
N ARG A 134 -10.09 26.97 19.30
CA ARG A 134 -9.67 26.28 20.51
C ARG A 134 -10.93 25.99 21.32
N THR A 135 -11.17 24.71 21.61
CA THR A 135 -12.32 24.27 22.38
C THR A 135 -12.00 24.34 23.85
N ALA A 136 -13.02 24.11 24.67
CA ALA A 136 -12.89 24.13 26.13
C ALA A 136 -12.14 22.91 26.63
N LYS A 137 -12.55 21.74 26.15
CA LYS A 137 -12.08 20.47 26.71
C LYS A 137 -11.48 19.44 25.73
N MET A 138 -11.54 19.68 24.41
CA MET A 138 -11.14 18.71 23.39
CA MET A 138 -11.02 18.67 23.47
C MET A 138 -10.06 19.27 22.44
N GLY A 139 -9.18 20.12 22.92
CA GLY A 139 -8.14 20.71 22.08
C GLY A 139 -8.70 21.58 20.98
N TRP A 140 -8.10 21.51 19.78
CA TRP A 140 -8.64 22.21 18.60
C TRP A 140 -9.85 21.47 18.07
N GLY A 141 -10.78 22.23 17.52
CA GLY A 141 -11.94 21.68 16.82
C GLY A 141 -12.32 22.58 15.65
N VAL A 142 -13.33 22.19 14.92
CA VAL A 142 -13.74 22.92 13.75
C VAL A 142 -15.19 23.29 13.92
N ARG A 143 -15.51 24.56 13.67
CA ARG A 143 -16.89 25.04 13.77
C ARG A 143 -17.36 25.75 12.51
N ALA A 144 -18.68 25.82 12.39
CA ALA A 144 -19.35 26.48 11.30
C ALA A 144 -19.42 27.99 11.52
N LEU A 145 -19.11 28.77 10.49
CA LEU A 145 -19.26 30.24 10.55
C LEU A 145 -20.59 30.75 9.94
N GLN A 146 -21.46 29.81 9.58
CA GLN A 146 -22.69 30.13 8.86
C GLN A 146 -23.63 28.97 9.12
N THR A 147 -24.91 29.20 8.85
N THR A 147 -24.92 29.19 8.87
CA THR A 147 -25.91 28.15 8.90
CA THR A 147 -25.89 28.12 8.92
C THR A 147 -25.67 27.21 7.70
C THR A 147 -25.64 27.21 7.73
N ILE A 148 -25.70 25.91 7.96
CA ILE A 148 -25.46 24.91 6.91
C ILE A 148 -26.66 23.95 6.88
N PRO A 149 -27.44 23.95 5.78
CA PRO A 149 -28.56 22.99 5.70
C PRO A 149 -28.13 21.54 5.66
N GLN A 150 -29.03 20.68 6.11
CA GLN A 150 -28.92 19.23 5.93
C GLN A 150 -28.50 18.84 4.51
N GLY A 151 -27.52 17.94 4.43
CA GLY A 151 -27.08 17.34 3.17
C GLY A 151 -26.03 18.13 2.41
N THR A 152 -25.47 19.18 3.01
CA THR A 152 -24.46 20.02 2.35
C THR A 152 -23.09 19.37 2.50
N PHE A 153 -22.30 19.40 1.42
CA PHE A 153 -20.92 18.92 1.49
C PHE A 153 -20.12 19.91 2.32
N ILE A 154 -19.37 19.40 3.29
CA ILE A 154 -18.60 20.25 4.20
C ILE A 154 -17.11 20.29 3.81
N CYS A 155 -16.46 19.11 3.90
CA CYS A 155 -15.07 18.91 3.51
C CYS A 155 -14.74 17.43 3.35
N GLU A 156 -13.57 17.18 2.80
CA GLU A 156 -13.09 15.82 2.60
C GLU A 156 -12.14 15.46 3.74
N TYR A 157 -12.12 14.18 4.15
CA TYR A 157 -11.09 13.69 5.05
C TYR A 157 -9.84 13.36 4.26
N VAL A 158 -8.85 14.25 4.35
CA VAL A 158 -7.63 14.19 3.55
C VAL A 158 -6.45 13.86 4.43
N GLY A 159 -5.56 13.02 3.90
CA GLY A 159 -4.32 12.70 4.55
C GLY A 159 -3.45 11.77 3.69
N GLU A 160 -2.59 11.03 4.37
CA GLU A 160 -1.64 10.14 3.75
C GLU A 160 -2.30 8.77 3.62
N LEU A 161 -2.33 8.25 2.39
CA LEU A 161 -2.81 6.90 2.15
C LEU A 161 -1.79 5.89 2.63
N ILE A 162 -2.21 4.95 3.49
CA ILE A 162 -1.28 3.92 3.99
C ILE A 162 -1.95 2.58 3.99
N SER A 163 -1.14 1.52 3.94
CA SER A 163 -1.64 0.15 4.08
C SER A 163 -2.00 -0.13 5.55
N ASP A 164 -2.83 -1.15 5.78
CA ASP A 164 -3.07 -1.67 7.14
C ASP A 164 -1.78 -2.07 7.87
N ALA A 165 -0.89 -2.77 7.17
CA ALA A 165 0.45 -3.09 7.68
C ALA A 165 1.24 -1.89 8.20
N GLU A 166 1.14 -0.76 7.48
CA GLU A 166 1.84 0.47 7.88
C GLU A 166 1.12 1.10 9.07
N ALA A 167 -0.22 1.11 9.05
CA ALA A 167 -1.00 1.63 10.18
C ALA A 167 -0.56 0.92 11.48
N ASP A 168 -0.38 -0.39 11.35
CA ASP A 168 0.01 -1.29 12.45
C ASP A 168 1.34 -0.98 13.14
N VAL A 169 2.29 -0.35 12.44
CA VAL A 169 3.59 -0.01 13.03
C VAL A 169 3.72 1.46 13.48
N ARG A 170 2.72 2.28 13.16
CA ARG A 170 2.76 3.68 13.58
C ARG A 170 2.30 3.87 15.02
N GLU A 171 3.00 4.77 15.70
CA GLU A 171 2.81 5.07 17.12
C GLU A 171 1.47 5.77 17.36
N ASP A 172 1.27 6.90 16.68
CA ASP A 172 0.11 7.74 16.90
C ASP A 172 -0.99 7.33 15.93
N ASP A 173 -2.08 6.77 16.48
CA ASP A 173 -3.23 6.33 15.70
C ASP A 173 -4.50 7.19 15.94
N SER A 174 -4.32 8.42 16.41
CA SER A 174 -5.43 9.32 16.75
C SER A 174 -6.04 10.05 15.56
N TYR A 175 -5.35 10.03 14.40
CA TYR A 175 -5.82 10.72 13.18
C TYR A 175 -5.92 9.72 12.04
N LEU A 176 -6.55 8.58 12.30
CA LEU A 176 -6.62 7.49 11.33
C LEU A 176 -8.05 7.30 10.92
N PHE A 177 -8.29 7.24 9.61
CA PHE A 177 -9.60 6.88 9.08
C PHE A 177 -9.54 5.57 8.26
N ASP A 178 -10.32 4.56 8.65
CA ASP A 178 -10.32 3.26 8.00
C ASP A 178 -11.09 3.23 6.68
N LEU A 179 -10.40 2.77 5.62
CA LEU A 179 -11.03 2.45 4.33
C LEU A 179 -11.17 0.93 4.22
N ASP A 180 -12.11 0.39 4.99
CA ASP A 180 -12.43 -1.06 5.02
C ASP A 180 -12.71 -1.73 3.64
N GLU A 185 -6.59 -6.60 0.26
CA GLU A 185 -5.82 -5.60 1.01
C GLU A 185 -6.72 -4.42 1.43
N VAL A 186 -6.45 -3.87 2.62
CA VAL A 186 -7.25 -2.78 3.21
C VAL A 186 -6.32 -1.61 3.56
N TYR A 187 -6.85 -0.39 3.46
CA TYR A 187 -6.06 0.85 3.57
C TYR A 187 -6.65 1.85 4.57
N CYS A 188 -5.83 2.82 4.96
CA CYS A 188 -6.26 3.91 5.84
C CYS A 188 -5.84 5.25 5.29
N ILE A 189 -6.55 6.30 5.69
CA ILE A 189 -6.03 7.65 5.55
C ILE A 189 -5.46 8.05 6.92
N ASP A 190 -4.16 8.31 7.00
CA ASP A 190 -3.50 8.81 8.24
C ASP A 190 -3.32 10.31 8.09
N ALA A 191 -4.04 11.10 8.89
CA ALA A 191 -3.89 12.56 8.85
C ALA A 191 -2.95 13.13 9.95
N ARG A 192 -2.11 12.30 10.57
CA ARG A 192 -1.23 12.78 11.63
C ARG A 192 -0.14 13.72 11.08
N TYR A 193 0.55 13.29 10.03
CA TYR A 193 1.67 14.07 9.48
C TYR A 193 1.32 14.96 8.33
N TYR A 194 0.34 14.51 7.52
CA TYR A 194 -0.20 15.24 6.38
C TYR A 194 -1.72 15.20 6.43
N GLY A 195 -2.40 16.36 6.41
CA GLY A 195 -3.87 16.35 6.37
C GLY A 195 -4.48 17.72 6.13
N ASN A 196 -5.79 17.78 6.02
CA ASN A 196 -6.48 19.04 5.79
C ASN A 196 -7.26 19.39 7.05
N ILE A 197 -8.24 20.28 6.91
CA ILE A 197 -9.03 20.77 8.04
C ILE A 197 -9.73 19.66 8.83
N SER A 198 -10.06 18.56 8.17
CA SER A 198 -10.77 17.43 8.77
CA SER A 198 -10.79 17.47 8.78
C SER A 198 -10.01 16.75 9.90
N ARG A 199 -8.69 16.84 9.88
CA ARG A 199 -7.86 16.26 10.94
C ARG A 199 -8.20 16.87 12.30
N PHE A 200 -8.74 18.08 12.30
CA PHE A 200 -9.12 18.77 13.54
C PHE A 200 -10.57 18.52 14.01
N ILE A 201 -11.39 17.82 13.23
CA ILE A 201 -12.78 17.56 13.60
C ILE A 201 -12.86 16.53 14.75
N ASN A 202 -13.51 16.92 15.84
CA ASN A 202 -13.64 16.06 17.02
C ASN A 202 -14.75 15.04 16.87
N HIS A 203 -14.73 14.05 17.74
CA HIS A 203 -15.77 13.04 17.81
C HIS A 203 -17.02 13.61 18.49
N LEU A 204 -18.20 13.39 17.92
CA LEU A 204 -19.47 13.63 18.61
C LEU A 204 -20.31 12.37 18.60
N CYS A 205 -20.86 12.02 19.77
CA CYS A 205 -21.78 10.89 19.90
C CYS A 205 -23.14 11.19 19.23
N ASP A 206 -23.48 12.47 19.18
CA ASP A 206 -24.62 12.98 18.39
C ASP A 206 -24.06 13.73 17.15
N PRO A 207 -23.56 12.99 16.14
CA PRO A 207 -22.80 13.69 15.06
C PRO A 207 -23.69 14.58 14.18
N ASN A 208 -23.13 15.66 13.65
CA ASN A 208 -23.81 16.51 12.67
C ASN A 208 -23.20 16.43 11.27
N ILE A 209 -22.21 15.54 11.09
CA ILE A 209 -21.71 15.20 9.75
C ILE A 209 -21.53 13.69 9.59
N ILE A 210 -21.66 13.22 8.36
CA ILE A 210 -21.53 11.81 8.03
C ILE A 210 -20.51 11.60 6.91
N PRO A 211 -19.62 10.59 7.06
CA PRO A 211 -18.67 10.26 5.99
C PRO A 211 -19.32 9.43 4.90
N VAL A 212 -19.02 9.80 3.65
CA VAL A 212 -19.56 9.16 2.46
C VAL A 212 -18.38 8.84 1.57
N ARG A 213 -18.36 7.60 1.04
CA ARG A 213 -17.32 7.15 0.13
C ARG A 213 -17.61 7.64 -1.28
N VAL A 214 -16.65 8.32 -1.90
CA VAL A 214 -16.88 8.98 -3.20
C VAL A 214 -15.75 8.67 -4.18
N PHE A 215 -16.12 8.52 -5.44
CA PHE A 215 -15.17 8.34 -6.51
C PHE A 215 -15.33 9.48 -7.53
N MET A 216 -14.19 9.98 -7.99
CA MET A 216 -14.10 11.12 -8.90
C MET A 216 -13.19 10.78 -10.06
N LEU A 217 -11.90 11.14 -9.97
CA LEU A 217 -10.98 11.02 -11.08
C LEU A 217 -10.53 9.59 -11.38
N HIS A 218 -10.72 8.68 -10.43
CA HIS A 218 -10.40 7.27 -10.56
C HIS A 218 -11.52 6.50 -9.89
N GLN A 219 -11.56 5.22 -10.21
CA GLN A 219 -12.55 4.31 -9.62
C GLN A 219 -11.92 3.03 -9.06
N ASP A 220 -10.67 3.15 -8.61
CA ASP A 220 -10.06 2.13 -7.78
C ASP A 220 -10.77 2.01 -6.44
N LEU A 221 -11.57 0.93 -6.28
CA LEU A 221 -12.40 0.74 -5.09
C LEU A 221 -11.66 0.58 -3.76
N ARG A 222 -10.35 0.35 -3.79
CA ARG A 222 -9.52 0.36 -2.57
C ARG A 222 -9.40 1.74 -1.97
N PHE A 223 -9.56 2.80 -2.79
CA PHE A 223 -9.19 4.15 -2.38
C PHE A 223 -10.35 5.09 -2.57
N PRO A 224 -11.47 4.79 -1.91
CA PRO A 224 -12.54 5.76 -1.93
C PRO A 224 -12.06 7.01 -1.26
N ARG A 225 -12.55 8.14 -1.72
CA ARG A 225 -12.34 9.41 -1.03
C ARG A 225 -13.51 9.66 -0.05
N ILE A 226 -13.16 10.22 1.09
CA ILE A 226 -14.07 10.34 2.24
C ILE A 226 -14.61 11.77 2.32
N ALA A 227 -15.89 11.93 1.97
CA ALA A 227 -16.54 13.24 1.93
C ALA A 227 -17.52 13.35 3.11
N PHE A 228 -17.43 14.45 3.85
CA PHE A 228 -18.35 14.69 4.97
C PHE A 228 -19.51 15.56 4.47
N PHE A 229 -20.73 15.12 4.78
CA PHE A 229 -21.92 15.89 4.51
C PHE A 229 -22.62 16.16 5.84
N SER A 230 -23.24 17.33 5.97
CA SER A 230 -24.10 17.58 7.14
C SER A 230 -25.25 16.53 7.20
N SER A 231 -25.47 15.93 8.37
CA SER A 231 -26.56 14.95 8.59
C SER A 231 -27.88 15.60 9.06
N ARG A 232 -27.80 16.88 9.41
CA ARG A 232 -28.95 17.70 9.76
CA ARG A 232 -28.94 17.70 9.79
C ARG A 232 -28.60 19.17 9.54
N ASP A 233 -29.55 20.08 9.79
CA ASP A 233 -29.25 21.50 9.70
C ASP A 233 -28.27 21.84 10.81
N ILE A 234 -27.23 22.60 10.48
CA ILE A 234 -26.20 22.99 11.45
C ILE A 234 -26.28 24.52 11.65
N ARG A 235 -26.24 24.94 12.92
CA ARG A 235 -26.40 26.34 13.28
C ARG A 235 -25.04 27.03 13.25
N THR A 236 -25.08 28.32 12.96
CA THR A 236 -23.91 29.19 13.13
C THR A 236 -23.26 29.02 14.51
N GLY A 237 -21.94 28.84 14.50
CA GLY A 237 -21.16 28.62 15.72
C GLY A 237 -21.04 27.19 16.23
N GLU A 238 -21.78 26.26 15.61
CA GLU A 238 -21.83 24.89 16.03
C GLU A 238 -20.55 24.17 15.62
N GLU A 239 -19.99 23.42 16.57
CA GLU A 239 -18.85 22.55 16.31
C GLU A 239 -19.27 21.37 15.47
N LEU A 240 -18.47 21.09 14.45
CA LEU A 240 -18.62 19.92 13.64
C LEU A 240 -18.11 18.70 14.35
N GLY A 241 -18.81 17.58 14.15
CA GLY A 241 -18.28 16.30 14.67
C GLY A 241 -18.88 15.12 13.94
N PHE A 242 -18.04 14.09 13.75
CA PHE A 242 -18.50 12.80 13.23
C PHE A 242 -18.27 11.72 14.28
N ASP A 243 -18.91 10.58 14.08
CA ASP A 243 -18.74 9.41 14.92
C ASP A 243 -17.51 8.66 14.42
N TYR A 244 -16.44 8.76 15.20
CA TYR A 244 -15.19 8.06 15.01
C TYR A 244 -15.34 6.55 14.94
N GLY A 245 -16.34 6.01 15.63
CA GLY A 245 -16.65 4.59 15.55
C GLY A 245 -16.07 3.79 16.71
N ASP A 246 -16.51 2.54 16.79
CA ASP A 246 -16.12 1.64 17.89
C ASP A 246 -14.66 1.24 17.94
N ARG A 247 -14.01 1.09 16.78
CA ARG A 247 -12.60 0.70 16.73
C ARG A 247 -11.72 1.75 17.42
N PHE A 248 -12.01 3.04 17.18
CA PHE A 248 -11.38 4.15 17.91
C PHE A 248 -11.58 4.05 19.42
N TRP A 249 -12.84 3.96 19.85
CA TRP A 249 -13.17 4.03 21.28
C TRP A 249 -12.80 2.76 22.05
N ASP A 250 -12.85 1.61 21.39
CA ASP A 250 -12.38 0.36 21.99
C ASP A 250 -10.91 0.45 22.36
N ILE A 251 -10.14 1.14 21.53
CA ILE A 251 -8.73 1.38 21.80
C ILE A 251 -8.53 2.51 22.81
N LYS A 252 -9.27 3.60 22.65
CA LYS A 252 -8.95 4.84 23.37
C LYS A 252 -9.63 4.98 24.72
N SER A 253 -10.78 4.35 24.95
CA SER A 253 -11.55 4.61 26.19
C SER A 253 -10.76 4.23 27.45
N LYS A 254 -9.87 3.24 27.31
CA LYS A 254 -8.90 2.90 28.35
C LYS A 254 -7.98 4.07 28.76
N TYR A 255 -7.82 5.09 27.90
CA TYR A 255 -6.91 6.24 28.16
C TYR A 255 -7.58 7.62 28.38
N PHE A 256 -8.70 7.87 27.71
CA PHE A 256 -9.51 9.06 27.96
C PHE A 256 -10.94 8.78 27.58
N THR A 257 -11.86 9.55 28.15
CA THR A 257 -13.28 9.33 27.88
C THR A 257 -13.84 10.49 27.10
N CYS A 258 -15.02 10.25 26.52
CA CYS A 258 -15.64 11.27 25.67
C CYS A 258 -16.12 12.48 26.47
N GLN A 259 -15.82 13.67 25.95
CA GLN A 259 -16.23 14.96 26.54
C GLN A 259 -17.29 15.70 25.71
N CYS A 260 -18.03 15.00 24.88
CA CYS A 260 -18.96 15.67 23.96
C CYS A 260 -20.10 16.37 24.70
N GLY A 261 -20.42 15.87 25.90
CA GLY A 261 -21.36 16.54 26.80
C GLY A 261 -22.82 16.31 26.47
N SER A 262 -23.10 15.46 25.48
CA SER A 262 -24.47 15.19 25.04
C SER A 262 -25.12 14.20 25.99
N GLU A 263 -26.44 14.28 26.09
CA GLU A 263 -27.23 13.30 26.86
C GLU A 263 -27.25 11.96 26.11
N LYS A 264 -26.94 11.99 24.82
CA LYS A 264 -26.80 10.79 24.02
C LYS A 264 -25.41 10.16 24.13
N CYS A 265 -24.49 10.76 24.90
CA CYS A 265 -23.09 10.33 24.91
C CYS A 265 -22.97 8.88 25.31
N LYS A 266 -22.31 8.05 24.48
CA LYS A 266 -22.12 6.62 24.81
C LYS A 266 -20.67 6.19 25.10
N HIS A 267 -19.75 7.16 25.26
CA HIS A 267 -18.35 6.88 25.55
C HIS A 267 -17.80 7.71 26.72
N SER A 268 -18.67 8.36 27.50
CA SER A 268 -18.27 9.11 28.69
C SER A 268 -17.92 8.16 29.83
N ALA A 269 -17.21 8.67 30.83
CA ALA A 269 -16.97 7.90 32.06
C ALA A 269 -18.32 7.45 32.65
N GLU A 270 -19.29 8.36 32.68
CA GLU A 270 -20.66 8.04 33.17
C GLU A 270 -21.38 7.02 32.29
N ALA A 271 -21.23 7.11 30.97
CA ALA A 271 -21.74 6.07 30.07
C ALA A 271 -21.05 4.73 30.27
N ILE A 272 -19.74 4.75 30.52
CA ILE A 272 -18.98 3.51 30.73
C ILE A 272 -19.38 2.88 32.07
N ALA A 273 -19.52 3.70 33.11
CA ALA A 273 -19.98 3.21 34.45
C ALA A 273 -21.40 2.59 34.40
N LEU A 274 -22.29 3.21 33.63
CA LEU A 274 -23.66 2.73 33.43
C LEU A 274 -23.76 1.39 32.67
N GLU A 275 -22.90 1.18 31.67
CA GLU A 275 -22.82 -0.10 30.98
C GLU A 275 -22.34 -1.23 31.92
N GLN A 276 -21.41 -0.90 32.82
CA GLN A 276 -20.96 -1.82 33.87
C GLN A 276 -21.88 -1.71 35.10
N THR B 8 6.33 -1.14 42.80
CA THR B 8 5.63 -0.49 41.64
C THR B 8 5.61 -1.39 40.40
N GLU B 9 4.58 -1.24 39.57
CA GLU B 9 4.45 -2.01 38.33
C GLU B 9 5.15 -1.32 37.14
N LYS B 10 6.40 -0.86 37.33
CA LYS B 10 7.24 -0.38 36.23
C LYS B 10 7.60 -1.57 35.34
N ILE B 11 7.62 -1.32 34.03
CA ILE B 11 7.91 -2.37 33.08
C ILE B 11 9.37 -2.78 33.20
N ILE B 12 9.62 -4.02 33.67
CA ILE B 12 10.97 -4.58 33.76
C ILE B 12 11.45 -5.30 32.48
N CYS B 13 10.54 -5.58 31.55
CA CYS B 13 10.93 -5.95 30.17
C CYS B 13 9.82 -5.48 29.25
N ARG B 14 10.18 -4.67 28.24
CA ARG B 14 9.25 -4.17 27.22
C ARG B 14 8.50 -5.29 26.47
N ASP B 15 9.20 -6.39 26.20
CA ASP B 15 8.62 -7.49 25.42
C ASP B 15 9.45 -8.75 25.61
N VAL B 16 8.94 -9.70 26.38
CA VAL B 16 9.63 -10.98 26.58
C VAL B 16 9.77 -11.81 25.29
N ALA B 17 8.91 -11.53 24.33
CA ALA B 17 8.90 -12.21 23.03
C ALA B 17 9.94 -11.68 22.04
N ARG B 18 10.65 -10.59 22.37
CA ARG B 18 11.69 -10.01 21.47
C ARG B 18 11.18 -9.64 20.06
N GLY B 19 9.99 -9.07 20.00
CA GLY B 19 9.35 -8.70 18.74
C GLY B 19 8.84 -9.84 17.88
N TYR B 20 8.77 -11.06 18.42
CA TYR B 20 8.38 -12.22 17.62
C TYR B 20 6.87 -12.40 17.49
N GLU B 21 6.07 -11.74 18.32
CA GLU B 21 4.62 -11.87 18.27
C GLU B 21 4.06 -10.58 17.61
N ASN B 22 2.77 -10.60 17.27
CA ASN B 22 2.13 -9.41 16.64
C ASN B 22 2.08 -8.20 17.60
N VAL B 23 2.08 -8.46 18.90
CA VAL B 23 2.07 -7.42 19.92
C VAL B 23 3.16 -7.74 20.95
N PRO B 24 3.69 -6.71 21.62
CA PRO B 24 4.61 -6.99 22.74
C PRO B 24 3.90 -7.63 23.94
N ILE B 25 4.68 -8.37 24.74
CA ILE B 25 4.23 -9.00 25.98
C ILE B 25 5.19 -8.50 27.05
N PRO B 26 4.85 -7.39 27.72
CA PRO B 26 5.75 -6.87 28.75
C PRO B 26 5.70 -7.67 30.04
N CYS B 27 6.73 -7.46 30.86
CA CYS B 27 6.86 -8.10 32.15
C CYS B 27 6.90 -7.03 33.24
N VAL B 28 6.20 -7.27 34.33
CA VAL B 28 6.25 -6.43 35.52
C VAL B 28 6.29 -7.28 36.78
N ASN B 29 6.88 -6.70 37.82
CA ASN B 29 6.92 -7.31 39.12
C ASN B 29 6.68 -6.22 40.17
N GLY B 30 5.46 -6.19 40.70
CA GLY B 30 5.13 -5.32 41.83
C GLY B 30 5.05 -6.06 43.17
N VAL B 31 5.59 -7.28 43.26
CA VAL B 31 5.47 -8.10 44.46
C VAL B 31 6.81 -8.32 45.18
N ASP B 32 7.84 -8.74 44.46
CA ASP B 32 9.13 -9.13 45.10
C ASP B 32 10.34 -8.72 44.26
N GLY B 33 11.53 -9.20 44.63
CA GLY B 33 12.78 -8.87 43.94
C GLY B 33 13.22 -9.79 42.81
N GLU B 34 12.34 -10.72 42.40
CA GLU B 34 12.71 -11.70 41.37
C GLU B 34 12.93 -10.97 40.05
N PRO B 35 14.09 -11.18 39.39
CA PRO B 35 14.29 -10.50 38.12
C PRO B 35 13.49 -11.19 37.01
N CYS B 36 13.28 -10.47 35.91
CA CYS B 36 12.61 -11.01 34.72
C CYS B 36 13.19 -12.42 34.39
N PRO B 37 12.33 -13.42 34.16
CA PRO B 37 12.85 -14.78 33.97
C PRO B 37 13.71 -14.90 32.71
N GLU B 38 14.87 -15.52 32.85
CA GLU B 38 15.82 -15.71 31.75
C GLU B 38 16.41 -17.13 31.69
N ASP B 39 15.70 -18.07 32.29
CA ASP B 39 16.09 -19.46 32.52
C ASP B 39 15.49 -20.36 31.43
N TYR B 40 15.19 -19.79 30.28
CA TYR B 40 14.52 -20.46 29.16
C TYR B 40 14.77 -19.58 27.93
N LYS B 41 14.51 -20.15 26.76
CA LYS B 41 14.62 -19.44 25.50
C LYS B 41 13.21 -19.17 24.98
N TYR B 42 12.85 -17.88 24.83
CA TYR B 42 11.55 -17.56 24.22
C TYR B 42 11.55 -17.91 22.73
N ILE B 43 10.63 -18.78 22.31
CA ILE B 43 10.34 -19.10 20.88
C ILE B 43 8.86 -18.87 20.60
N SER B 44 8.54 -18.32 19.44
CA SER B 44 7.13 -18.07 19.05
C SER B 44 6.47 -19.26 18.36
N GLU B 45 7.29 -20.14 17.76
CA GLU B 45 6.81 -21.39 17.18
C GLU B 45 7.54 -22.61 17.76
N ASN B 46 6.85 -23.75 17.70
CA ASN B 46 7.38 -25.02 18.18
C ASN B 46 8.73 -25.37 17.53
N CYS B 47 9.63 -25.91 18.33
CA CYS B 47 10.97 -26.28 17.87
C CYS B 47 11.15 -27.77 18.09
N GLU B 48 12.22 -28.30 17.49
CA GLU B 48 12.59 -29.73 17.58
C GLU B 48 14.00 -29.79 18.11
N THR B 49 14.29 -30.82 18.89
CA THR B 49 15.68 -31.13 19.28
C THR B 49 16.09 -32.58 18.93
N SER B 50 15.30 -33.27 18.11
CA SER B 50 15.67 -34.60 17.58
C SER B 50 14.92 -34.79 16.26
N THR B 51 15.19 -35.85 15.53
CA THR B 51 14.53 -36.03 14.21
C THR B 51 13.06 -36.36 14.47
N MET B 52 12.18 -35.48 14.00
CA MET B 52 10.73 -35.62 14.15
C MET B 52 10.05 -35.96 12.81
N ASN B 53 10.54 -35.38 11.73
CA ASN B 53 9.98 -35.54 10.38
C ASN B 53 8.51 -35.27 10.36
N ILE B 54 8.15 -34.07 10.79
CA ILE B 54 6.76 -33.66 10.61
C ILE B 54 6.40 -33.77 9.12
N ASP B 55 5.25 -34.35 8.82
CA ASP B 55 4.79 -34.51 7.44
C ASP B 55 4.39 -33.14 6.89
N ARG B 56 5.32 -32.53 6.14
CA ARG B 56 5.09 -31.24 5.47
C ARG B 56 4.76 -31.37 3.98
N ASN B 57 4.58 -32.60 3.48
CA ASN B 57 4.24 -32.85 2.08
C ASN B 57 2.95 -32.11 1.71
N ILE B 58 3.07 -31.13 0.80
CA ILE B 58 1.92 -30.29 0.43
C ILE B 58 0.76 -31.09 -0.18
N THR B 59 1.08 -32.24 -0.82
CA THR B 59 0.05 -33.10 -1.43
C THR B 59 -0.68 -33.93 -0.39
N HIS B 60 -0.23 -33.90 0.87
CA HIS B 60 -0.92 -34.58 1.98
C HIS B 60 -1.86 -33.64 2.73
N LEU B 61 -1.97 -32.38 2.30
CA LEU B 61 -2.91 -31.44 2.93
C LEU B 61 -4.30 -31.61 2.36
N GLN B 62 -5.29 -31.85 3.21
CA GLN B 62 -6.69 -31.65 2.83
C GLN B 62 -6.93 -30.14 2.69
N HIS B 63 -7.73 -29.76 1.72
CA HIS B 63 -7.80 -28.36 1.37
C HIS B 63 -9.07 -28.12 0.66
N CYS B 64 -9.44 -26.85 0.59
CA CYS B 64 -10.70 -26.46 -0.01
C CYS B 64 -10.55 -25.79 -1.35
N THR B 65 -11.69 -25.71 -2.03
CA THR B 65 -11.80 -25.10 -3.34
C THR B 65 -12.62 -23.79 -3.35
N CYS B 66 -12.91 -23.27 -2.16
CA CYS B 66 -13.73 -22.05 -2.01
C CYS B 66 -13.21 -20.85 -2.79
N VAL B 67 -14.13 -20.17 -3.46
CA VAL B 67 -13.81 -18.88 -4.10
C VAL B 67 -14.39 -17.69 -3.33
N ASP B 68 -15.01 -17.95 -2.17
CA ASP B 68 -15.45 -16.89 -1.26
C ASP B 68 -14.47 -16.79 -0.07
N ASP B 69 -14.93 -16.30 1.08
CA ASP B 69 -14.09 -16.19 2.29
C ASP B 69 -14.20 -17.41 3.22
N CYS B 70 -14.61 -18.56 2.68
CA CYS B 70 -14.69 -19.81 3.50
C CYS B 70 -15.64 -19.69 4.65
N SER B 71 -16.66 -18.84 4.49
CA SER B 71 -17.70 -18.68 5.48
C SER B 71 -18.93 -19.55 5.17
N SER B 72 -18.92 -20.30 4.05
CA SER B 72 -20.05 -21.21 3.71
C SER B 72 -19.81 -22.59 4.31
N SER B 73 -20.89 -23.33 4.53
CA SER B 73 -20.77 -24.71 5.05
C SER B 73 -20.27 -25.72 4.01
N ASN B 74 -20.06 -25.26 2.78
CA ASN B 74 -19.45 -26.08 1.73
C ASN B 74 -17.92 -26.17 1.82
N CYS B 75 -17.29 -25.26 2.56
CA CYS B 75 -15.83 -25.30 2.78
C CYS B 75 -15.41 -26.68 3.32
N LEU B 76 -14.54 -27.36 2.59
CA LEU B 76 -14.10 -28.71 3.01
C LEU B 76 -13.35 -28.65 4.34
N CYS B 77 -12.51 -27.63 4.51
CA CYS B 77 -11.73 -27.48 5.77
C CYS B 77 -12.60 -27.34 7.00
N GLY B 78 -13.62 -26.51 6.89
CA GLY B 78 -14.66 -26.41 7.93
C GLY B 78 -15.37 -27.74 8.18
N GLN B 79 -15.68 -28.47 7.10
CA GLN B 79 -16.34 -29.79 7.22
C GLN B 79 -15.50 -30.84 7.97
N LEU B 80 -14.18 -30.73 7.91
CA LEU B 80 -13.32 -31.64 8.68
C LEU B 80 -13.50 -31.51 10.21
N SER B 81 -14.11 -30.40 10.67
CA SER B 81 -14.58 -30.27 12.05
C SER B 81 -16.11 -30.17 12.13
N ILE B 82 -16.82 -30.86 11.23
CA ILE B 82 -18.26 -30.70 11.01
C ILE B 82 -18.61 -29.32 10.43
N ARG B 83 -18.24 -28.26 11.14
CA ARG B 83 -18.26 -26.93 10.60
C ARG B 83 -17.08 -26.09 11.06
N CYS B 84 -16.90 -24.94 10.40
CA CYS B 84 -16.02 -23.90 10.91
C CYS B 84 -16.67 -23.31 12.13
N TRP B 85 -15.91 -23.29 13.22
CA TRP B 85 -16.42 -22.81 14.50
C TRP B 85 -16.10 -21.37 14.77
N TYR B 86 -15.48 -20.67 13.82
CA TYR B 86 -15.20 -19.25 13.97
C TYR B 86 -16.34 -18.42 13.41
N ASP B 87 -16.70 -17.36 14.14
CA ASP B 87 -17.68 -16.38 13.69
C ASP B 87 -16.98 -15.31 12.85
N LYS B 88 -17.75 -14.32 12.39
CA LYS B 88 -17.19 -13.25 11.53
C LYS B 88 -16.01 -12.47 12.14
N ASP B 89 -15.96 -12.37 13.47
CA ASP B 89 -14.87 -11.66 14.17
C ASP B 89 -13.76 -12.61 14.66
N GLY B 90 -13.75 -13.87 14.20
CA GLY B 90 -12.71 -14.85 14.59
C GLY B 90 -12.88 -15.51 15.95
N ARG B 91 -14.07 -15.41 16.53
CA ARG B 91 -14.36 -16.02 17.83
C ARG B 91 -15.12 -17.34 17.74
N LEU B 92 -14.85 -18.25 18.65
CA LEU B 92 -15.58 -19.51 18.71
C LEU B 92 -17.07 -19.20 18.91
N LEU B 93 -17.91 -20.02 18.29
CA LEU B 93 -19.36 -19.89 18.45
C LEU B 93 -19.75 -20.27 19.88
N GLN B 94 -20.83 -19.67 20.40
CA GLN B 94 -21.31 -19.96 21.77
C GLN B 94 -21.51 -21.46 22.04
N GLU B 95 -22.04 -22.18 21.05
CA GLU B 95 -22.32 -23.63 21.15
C GLU B 95 -21.10 -24.55 21.04
N PHE B 96 -19.94 -23.99 20.71
CA PHE B 96 -18.68 -24.75 20.66
C PHE B 96 -18.52 -25.60 21.92
N ASN B 97 -18.13 -26.85 21.73
CA ASN B 97 -17.95 -27.77 22.82
C ASN B 97 -16.63 -27.47 23.56
N LYS B 98 -16.73 -26.86 24.74
CA LYS B 98 -15.55 -26.47 25.54
C LYS B 98 -14.91 -27.59 26.37
N ILE B 99 -15.58 -28.74 26.48
CA ILE B 99 -15.13 -29.86 27.33
C ILE B 99 -14.37 -30.91 26.51
N GLU B 100 -14.90 -31.26 25.35
CA GLU B 100 -14.25 -32.16 24.41
C GLU B 100 -14.24 -31.45 23.05
N PRO B 101 -13.31 -30.50 22.86
CA PRO B 101 -13.33 -29.72 21.61
C PRO B 101 -12.98 -30.55 20.37
N PRO B 102 -13.56 -30.23 19.20
CA PRO B 102 -13.16 -30.94 17.99
C PRO B 102 -11.77 -30.49 17.55
N LEU B 103 -11.08 -31.31 16.75
CA LEU B 103 -9.85 -30.90 16.07
C LEU B 103 -10.26 -29.90 15.04
N ILE B 104 -9.59 -28.76 15.01
CA ILE B 104 -9.86 -27.71 14.04
C ILE B 104 -8.86 -27.83 12.90
N PHE B 105 -9.37 -27.83 11.67
CA PHE B 105 -8.51 -27.78 10.47
C PHE B 105 -8.68 -26.42 9.85
N GLU B 106 -7.67 -25.57 10.04
CA GLU B 106 -7.61 -24.25 9.37
C GLU B 106 -7.22 -24.42 7.92
N CYS B 107 -7.52 -23.38 7.13
CA CYS B 107 -7.11 -23.39 5.70
C CYS B 107 -5.61 -23.23 5.65
N ASN B 108 -5.06 -23.53 4.49
CA ASN B 108 -3.66 -23.73 4.37
C ASN B 108 -3.22 -23.37 2.98
N GLN B 109 -1.96 -23.57 2.71
CA GLN B 109 -1.31 -23.18 1.46
C GLN B 109 -1.75 -23.96 0.20
N ALA B 110 -2.46 -25.08 0.39
CA ALA B 110 -3.05 -25.84 -0.71
C ALA B 110 -4.49 -25.39 -1.04
N CYS B 111 -5.16 -24.74 -0.09
CA CYS B 111 -6.50 -24.18 -0.32
C CYS B 111 -6.50 -23.11 -1.40
N SER B 112 -7.61 -23.01 -2.15
CA SER B 112 -7.78 -22.04 -3.23
CA SER B 112 -7.73 -22.04 -3.22
C SER B 112 -8.01 -20.63 -2.69
N CYS B 113 -8.44 -20.55 -1.44
CA CYS B 113 -8.81 -19.30 -0.82
C CYS B 113 -7.65 -18.37 -0.52
N TRP B 114 -8.02 -17.15 -0.13
CA TRP B 114 -7.05 -16.14 0.24
C TRP B 114 -6.56 -16.27 1.70
N ARG B 115 -5.37 -15.73 1.93
CA ARG B 115 -4.74 -15.76 3.25
C ARG B 115 -5.60 -15.11 4.35
N ASN B 116 -6.56 -14.25 3.97
CA ASN B 116 -7.45 -13.58 4.93
C ASN B 116 -8.85 -14.17 5.03
N CYS B 117 -9.03 -15.43 4.60
CA CYS B 117 -10.32 -16.08 4.73
C CYS B 117 -10.68 -16.24 6.21
N LYS B 118 -11.92 -16.63 6.47
CA LYS B 118 -12.50 -16.70 7.83
C LYS B 118 -12.08 -17.92 8.64
N ASN B 119 -11.31 -18.81 8.02
CA ASN B 119 -10.84 -20.01 8.68
C ASN B 119 -9.31 -19.99 8.92
N ARG B 120 -8.81 -18.93 9.57
CA ARG B 120 -7.37 -18.72 9.75
C ARG B 120 -6.96 -17.99 11.06
N VAL B 121 -7.76 -18.15 12.10
CA VAL B 121 -7.57 -17.37 13.31
C VAL B 121 -6.23 -17.70 14.01
N VAL B 122 -6.01 -18.97 14.31
CA VAL B 122 -4.81 -19.38 15.08
C VAL B 122 -3.52 -19.06 14.34
N GLN B 123 -3.46 -19.35 13.04
CA GLN B 123 -2.27 -19.03 12.23
C GLN B 123 -1.95 -17.52 12.12
N SER B 124 -2.94 -16.67 12.39
CA SER B 124 -2.79 -15.22 12.38
C SER B 124 -2.17 -14.66 13.68
N GLY B 125 -2.12 -15.47 14.74
CA GLY B 125 -1.32 -15.17 15.93
C GLY B 125 -2.02 -14.35 17.01
N ILE B 126 -1.23 -13.86 17.96
CA ILE B 126 -1.77 -13.18 19.14
C ILE B 126 -2.27 -11.81 18.72
N LYS B 127 -3.46 -11.44 19.19
CA LYS B 127 -3.99 -10.09 19.01
C LYS B 127 -4.27 -9.35 20.31
N VAL B 128 -4.56 -10.10 21.37
CA VAL B 128 -4.89 -9.49 22.68
C VAL B 128 -3.62 -9.05 23.41
N ARG B 129 -3.76 -8.03 24.25
CA ARG B 129 -2.65 -7.51 25.05
C ARG B 129 -2.57 -8.33 26.33
N LEU B 130 -1.42 -8.97 26.52
CA LEU B 130 -1.14 -9.79 27.69
C LEU B 130 0.06 -9.20 28.42
N GLN B 131 0.28 -9.67 29.63
CA GLN B 131 1.37 -9.17 30.45
C GLN B 131 1.85 -10.30 31.32
N LEU B 132 3.17 -10.50 31.36
CA LEU B 132 3.79 -11.45 32.27
C LEU B 132 3.96 -10.68 33.58
N TYR B 133 3.50 -11.24 34.69
CA TYR B 133 3.50 -10.52 35.97
C TYR B 133 3.78 -11.44 37.14
N ARG B 134 4.22 -10.85 38.25
CA ARG B 134 4.53 -11.62 39.43
C ARG B 134 3.27 -11.74 40.28
N THR B 135 2.86 -12.97 40.59
CA THR B 135 1.64 -13.22 41.36
C THR B 135 1.94 -13.22 42.84
N ALA B 136 0.88 -13.28 43.66
CA ALA B 136 1.03 -13.36 45.11
C ALA B 136 1.64 -14.67 45.60
N LYS B 137 1.16 -15.80 45.09
CA LYS B 137 1.57 -17.12 45.62
C LYS B 137 2.10 -18.15 44.61
N MET B 138 1.95 -17.86 43.32
CA MET B 138 2.14 -18.88 42.28
C MET B 138 3.28 -18.54 41.35
N GLY B 139 4.19 -17.67 41.78
CA GLY B 139 5.31 -17.27 40.95
C GLY B 139 4.90 -16.30 39.87
N TRP B 140 5.45 -16.48 38.68
CA TRP B 140 5.04 -15.72 37.52
C TRP B 140 3.70 -16.26 37.00
N GLY B 141 2.94 -15.35 36.41
CA GLY B 141 1.68 -15.64 35.75
C GLY B 141 1.44 -14.69 34.59
N VAL B 142 0.31 -14.88 33.90
CA VAL B 142 -0.01 -14.12 32.74
C VAL B 142 -1.42 -13.57 32.95
N ARG B 143 -1.56 -12.27 32.69
CA ARG B 143 -2.85 -11.60 32.73
C ARG B 143 -3.17 -10.76 31.51
N ALA B 144 -4.47 -10.53 31.35
CA ALA B 144 -5.01 -9.70 30.28
C ALA B 144 -4.89 -8.23 30.67
N LEU B 145 -4.52 -7.37 29.72
CA LEU B 145 -4.56 -5.92 29.90
C LEU B 145 -5.74 -5.27 29.15
N GLN B 146 -6.68 -6.09 28.71
CA GLN B 146 -7.88 -5.60 28.06
C GLN B 146 -8.99 -6.58 28.37
N THR B 147 -10.22 -6.14 28.17
CA THR B 147 -11.35 -7.04 28.27
CA THR B 147 -11.37 -7.04 28.25
C THR B 147 -11.28 -7.98 27.06
N ILE B 148 -11.61 -9.26 27.29
CA ILE B 148 -11.53 -10.30 26.24
C ILE B 148 -12.86 -11.07 26.18
N PRO B 149 -13.65 -10.83 25.12
CA PRO B 149 -14.89 -11.60 25.03
C PRO B 149 -14.66 -13.11 24.95
N GLN B 150 -15.63 -13.89 25.43
CA GLN B 150 -15.67 -15.35 25.24
C GLN B 150 -15.33 -15.77 23.79
N GLY B 151 -14.64 -16.90 23.66
CA GLY B 151 -14.28 -17.48 22.35
C GLY B 151 -13.14 -16.82 21.57
N THR B 152 -12.38 -15.95 22.24
CA THR B 152 -11.32 -15.22 21.57
C THR B 152 -10.06 -16.07 21.65
N PHE B 153 -9.29 -16.09 20.55
CA PHE B 153 -7.98 -16.74 20.57
C PHE B 153 -7.02 -15.90 21.39
N ILE B 154 -6.31 -16.53 22.31
CA ILE B 154 -5.41 -15.84 23.27
C ILE B 154 -3.97 -16.02 22.87
N CYS B 155 -3.51 -17.27 22.90
CA CYS B 155 -2.11 -17.62 22.56
C CYS B 155 -2.00 -19.14 22.39
N GLU B 156 -0.90 -19.58 21.77
CA GLU B 156 -0.65 -20.99 21.53
C GLU B 156 0.24 -21.55 22.63
N TYR B 157 0.11 -22.84 22.96
CA TYR B 157 1.11 -23.48 23.85
C TYR B 157 2.27 -23.94 23.00
N VAL B 158 3.38 -23.20 23.09
CA VAL B 158 4.53 -23.42 22.23
C VAL B 158 5.69 -23.97 23.02
N GLY B 159 6.39 -24.94 22.47
CA GLY B 159 7.57 -25.45 23.12
C GLY B 159 8.32 -26.41 22.23
N GLU B 160 9.10 -27.27 22.90
CA GLU B 160 9.94 -28.28 22.26
C GLU B 160 9.10 -29.53 22.08
N LEU B 161 9.04 -30.03 20.84
CA LEU B 161 8.29 -31.22 20.55
C LEU B 161 9.18 -32.40 20.95
N ILE B 162 8.65 -33.27 21.79
CA ILE B 162 9.34 -34.47 22.24
C ILE B 162 8.40 -35.69 22.24
N SER B 163 8.97 -36.90 22.19
CA SER B 163 8.19 -38.14 22.28
C SER B 163 7.86 -38.40 23.73
N ASP B 164 6.87 -39.27 23.96
CA ASP B 164 6.57 -39.77 25.32
C ASP B 164 7.78 -40.43 25.96
N ALA B 165 8.58 -41.13 25.14
CA ALA B 165 9.82 -41.80 25.59
C ALA B 165 10.84 -40.84 26.20
N GLU B 166 10.98 -39.66 25.58
CA GLU B 166 11.85 -38.60 26.09
C GLU B 166 11.23 -37.90 27.30
N ALA B 167 9.94 -37.57 27.24
CA ALA B 167 9.20 -37.00 28.39
C ALA B 167 9.31 -37.89 29.64
N ASP B 168 9.31 -39.20 29.39
CA ASP B 168 9.50 -40.22 30.46
C ASP B 168 10.84 -40.14 31.22
N VAL B 169 11.88 -39.52 30.64
CA VAL B 169 13.17 -39.36 31.34
C VAL B 169 13.58 -37.90 31.56
N ARG B 170 12.64 -36.97 31.39
CA ARG B 170 12.90 -35.56 31.67
C ARG B 170 12.74 -35.31 33.17
N GLU B 171 13.71 -34.62 33.77
CA GLU B 171 13.72 -34.33 35.20
C GLU B 171 12.58 -33.40 35.60
N ASP B 172 12.54 -32.23 34.96
CA ASP B 172 11.51 -31.22 35.22
C ASP B 172 10.31 -31.41 34.29
N ASP B 173 9.21 -31.93 34.84
CA ASP B 173 7.97 -32.11 34.08
C ASP B 173 6.89 -31.03 34.41
N SER B 174 7.32 -29.85 34.88
CA SER B 174 6.36 -28.79 35.27
C SER B 174 5.82 -27.97 34.12
N TYR B 175 6.40 -28.13 32.93
CA TYR B 175 6.00 -27.37 31.74
C TYR B 175 5.73 -28.32 30.60
N LEU B 176 4.96 -29.36 30.86
CA LEU B 176 4.69 -30.37 29.83
C LEU B 176 3.23 -30.34 29.47
N PHE B 177 2.95 -30.44 28.17
CA PHE B 177 1.59 -30.55 27.64
C PHE B 177 1.50 -31.78 26.75
N ASP B 178 0.54 -32.66 27.04
CA ASP B 178 0.40 -33.94 26.35
C ASP B 178 -0.40 -33.81 25.07
N LEU B 179 0.16 -34.29 23.97
CA LEU B 179 -0.55 -34.41 22.68
C LEU B 179 -0.82 -35.92 22.47
N ASP B 180 -1.94 -36.44 22.99
CA ASP B 180 -2.29 -37.88 22.75
C ASP B 180 -3.16 -38.06 21.49
N ASN B 181 -2.66 -38.83 20.52
CA ASN B 181 -3.25 -38.96 19.19
C ASN B 181 -4.04 -40.25 19.02
CA GLU B 185 2.77 -43.45 20.08
C GLU B 185 2.35 -41.98 20.23
N VAL B 186 2.37 -41.50 21.48
CA VAL B 186 1.99 -40.13 21.85
C VAL B 186 3.18 -39.19 21.91
N TYR B 187 2.91 -37.89 21.76
CA TYR B 187 3.95 -36.86 21.84
C TYR B 187 3.56 -35.74 22.80
N CYS B 188 4.55 -34.95 23.22
CA CYS B 188 4.37 -33.86 24.16
C CYS B 188 5.05 -32.56 23.72
N ILE B 189 4.55 -31.42 24.22
CA ILE B 189 5.25 -30.16 24.12
C ILE B 189 5.88 -29.90 25.48
N ASP B 190 7.21 -29.77 25.49
CA ASP B 190 7.95 -29.42 26.73
C ASP B 190 8.37 -27.97 26.61
N ALA B 191 7.80 -27.12 27.46
CA ALA B 191 8.13 -25.70 27.44
C ALA B 191 9.15 -25.29 28.53
N ARG B 192 9.86 -26.25 29.14
CA ARG B 192 10.85 -25.90 30.20
C ARG B 192 12.05 -25.11 29.66
N TYR B 193 12.65 -25.58 28.58
CA TYR B 193 13.86 -24.93 28.04
C TYR B 193 13.59 -23.96 26.90
N TYR B 194 12.59 -24.30 26.08
CA TYR B 194 12.15 -23.49 24.97
C TYR B 194 10.66 -23.38 25.06
N GLY B 195 10.10 -22.16 25.09
CA GLY B 195 8.65 -21.98 25.10
C GLY B 195 8.23 -20.53 24.91
N ASN B 196 6.93 -20.29 24.77
CA ASN B 196 6.43 -18.90 24.58
C ASN B 196 5.75 -18.46 25.89
N ILE B 197 4.96 -17.39 25.80
CA ILE B 197 4.24 -16.84 26.95
C ILE B 197 3.38 -17.88 27.70
N SER B 198 2.85 -18.88 26.99
CA SER B 198 2.01 -19.92 27.61
C SER B 198 2.65 -20.75 28.71
N ARG B 199 3.99 -20.83 28.69
CA ARG B 199 4.72 -21.52 29.73
C ARG B 199 4.50 -20.87 31.10
N PHE B 200 4.09 -19.60 31.12
CA PHE B 200 3.91 -18.87 32.38
C PHE B 200 2.45 -18.89 32.88
N ILE B 201 1.53 -19.45 32.10
CA ILE B 201 0.14 -19.50 32.53
C ILE B 201 -0.05 -20.53 33.67
N ASN B 202 -0.64 -20.07 34.80
CA ASN B 202 -0.92 -20.95 35.93
C ASN B 202 -2.16 -21.81 35.77
N HIS B 203 -2.28 -22.80 36.64
CA HIS B 203 -3.42 -23.69 36.68
C HIS B 203 -4.62 -23.07 37.43
N LEU B 204 -5.81 -23.20 36.85
CA LEU B 204 -7.07 -22.86 37.54
C LEU B 204 -8.06 -24.01 37.48
N CYS B 205 -8.65 -24.35 38.63
CA CYS B 205 -9.65 -25.42 38.68
C CYS B 205 -10.97 -24.98 38.03
N ASP B 206 -11.20 -23.67 38.03
CA ASP B 206 -12.25 -23.01 37.27
C ASP B 206 -11.61 -22.17 36.14
N PRO B 207 -11.15 -22.84 35.05
CA PRO B 207 -10.30 -22.11 34.10
C PRO B 207 -11.07 -21.10 33.27
N ASN B 208 -10.37 -20.07 32.79
CA ASN B 208 -10.95 -19.09 31.87
C ASN B 208 -10.41 -19.20 30.43
N ILE B 209 -9.55 -20.19 30.18
CA ILE B 209 -9.12 -20.55 28.82
C ILE B 209 -9.13 -22.05 28.65
N ILE B 210 -9.37 -22.47 27.41
CA ILE B 210 -9.39 -23.88 27.06
C ILE B 210 -8.45 -24.14 25.87
N PRO B 211 -7.77 -25.28 25.89
CA PRO B 211 -6.94 -25.69 24.78
C PRO B 211 -7.78 -26.35 23.73
N VAL B 212 -7.45 -26.04 22.47
CA VAL B 212 -8.05 -26.66 21.31
C VAL B 212 -6.93 -27.16 20.42
N ARG B 213 -7.06 -28.39 19.92
CA ARG B 213 -6.10 -28.95 18.95
CA ARG B 213 -6.12 -28.96 18.95
C ARG B 213 -6.38 -28.39 17.55
N VAL B 214 -5.35 -27.81 16.93
CA VAL B 214 -5.50 -27.17 15.62
C VAL B 214 -4.41 -27.58 14.63
N PHE B 215 -4.81 -27.71 13.37
CA PHE B 215 -3.89 -27.93 12.25
C PHE B 215 -3.91 -26.75 11.31
N MET B 216 -2.73 -26.33 10.85
CA MET B 216 -2.59 -25.19 9.96
C MET B 216 -1.72 -25.59 8.77
N LEU B 217 -0.39 -25.40 8.85
CA LEU B 217 0.51 -25.58 7.70
C LEU B 217 0.78 -27.04 7.35
N HIS B 218 0.52 -27.95 8.27
CA HIS B 218 0.64 -29.38 8.07
C HIS B 218 -0.52 -30.04 8.78
N GLN B 219 -0.76 -31.30 8.41
CA GLN B 219 -1.82 -32.10 9.02
C GLN B 219 -1.29 -33.46 9.52
N ASP B 220 -0.04 -33.45 10.00
CA ASP B 220 0.53 -34.55 10.76
C ASP B 220 -0.17 -34.71 12.11
N LEU B 221 -0.96 -35.78 12.23
CA LEU B 221 -1.79 -36.01 13.41
C LEU B 221 -1.06 -36.25 14.73
N ARG B 222 0.23 -36.52 14.70
CA ARG B 222 1.03 -36.56 15.95
C ARG B 222 1.18 -35.19 16.61
N PHE B 223 1.12 -34.12 15.81
CA PHE B 223 1.53 -32.81 16.26
C PHE B 223 0.46 -31.76 16.04
N PRO B 224 -0.72 -31.95 16.65
CA PRO B 224 -1.64 -30.82 16.67
C PRO B 224 -0.97 -29.68 17.40
N ARG B 225 -1.29 -28.46 17.00
CA ARG B 225 -0.89 -27.27 17.73
C ARG B 225 -1.99 -26.94 18.75
N ILE B 226 -1.57 -26.48 19.91
CA ILE B 226 -2.46 -26.22 21.02
C ILE B 226 -2.77 -24.73 21.11
N ALA B 227 -4.02 -24.37 20.82
CA ALA B 227 -4.50 -22.97 20.83
C ALA B 227 -5.38 -22.78 22.05
N PHE B 228 -5.07 -21.78 22.86
CA PHE B 228 -5.96 -21.38 23.94
C PHE B 228 -6.95 -20.32 23.48
N PHE B 229 -8.22 -20.56 23.83
CA PHE B 229 -9.34 -19.66 23.59
C PHE B 229 -10.02 -19.40 24.94
N SER B 230 -10.51 -18.18 25.10
CA SER B 230 -11.25 -17.81 26.31
C SER B 230 -12.52 -18.66 26.38
N SER B 231 -12.77 -19.23 27.56
CA SER B 231 -13.98 -20.01 27.80
C SER B 231 -15.16 -19.14 28.30
N ARG B 232 -14.86 -17.89 28.64
CA ARG B 232 -15.88 -16.93 29.07
C ARG B 232 -15.33 -15.54 28.88
N ASP B 233 -16.15 -14.52 29.15
CA ASP B 233 -15.64 -13.15 29.15
C ASP B 233 -14.57 -12.99 30.24
N ILE B 234 -13.48 -12.30 29.89
CA ILE B 234 -12.35 -12.03 30.80
C ILE B 234 -12.22 -10.52 30.96
N ARG B 235 -12.13 -10.04 32.20
CA ARG B 235 -11.93 -8.61 32.44
C ARG B 235 -10.47 -8.25 32.41
N THR B 236 -10.20 -6.97 32.14
CA THR B 236 -8.84 -6.44 32.21
C THR B 236 -8.25 -6.71 33.62
N GLY B 237 -6.95 -7.02 33.66
CA GLY B 237 -6.27 -7.41 34.89
C GLY B 237 -6.44 -8.85 35.35
N GLU B 238 -7.42 -9.56 34.78
CA GLU B 238 -7.70 -10.92 35.21
C GLU B 238 -6.56 -11.86 34.79
N GLU B 239 -6.16 -12.72 35.72
CA GLU B 239 -5.14 -13.73 35.42
C GLU B 239 -5.73 -14.84 34.57
N LEU B 240 -4.93 -15.26 33.59
CA LEU B 240 -5.25 -16.40 32.77
C LEU B 240 -4.90 -17.71 33.45
N GLY B 241 -5.70 -18.73 33.16
CA GLY B 241 -5.40 -20.06 33.61
C GLY B 241 -6.22 -21.12 32.90
N PHE B 242 -5.56 -22.24 32.61
CA PHE B 242 -6.19 -23.45 32.11
C PHE B 242 -6.09 -24.56 33.15
N ASP B 243 -6.89 -25.59 32.94
CA ASP B 243 -6.86 -26.81 33.76
C ASP B 243 -5.75 -27.76 33.25
N TYR B 244 -4.62 -27.75 33.94
CA TYR B 244 -3.50 -28.68 33.73
C TYR B 244 -3.91 -30.12 33.63
N GLY B 245 -4.90 -30.52 34.43
CA GLY B 245 -5.53 -31.80 34.31
C GLY B 245 -5.05 -32.80 35.35
N ASP B 246 -5.63 -34.00 35.29
CA ASP B 246 -5.40 -35.02 36.31
C ASP B 246 -4.02 -35.68 36.30
N ARG B 247 -3.40 -35.84 35.12
CA ARG B 247 -2.05 -36.39 35.10
C ARG B 247 -1.04 -35.51 35.84
N PHE B 248 -1.13 -34.19 35.59
CA PHE B 248 -0.31 -33.21 36.30
C PHE B 248 -0.47 -33.33 37.82
N TRP B 249 -1.71 -33.28 38.28
CA TRP B 249 -1.96 -33.20 39.73
C TRP B 249 -1.72 -34.54 40.43
N ASP B 250 -1.94 -35.65 39.74
CA ASP B 250 -1.67 -36.98 40.31
C ASP B 250 -0.18 -37.19 40.58
N ILE B 251 0.68 -36.49 39.82
CA ILE B 251 2.12 -36.49 40.08
C ILE B 251 2.55 -35.40 41.08
N LYS B 252 1.99 -34.20 40.99
CA LYS B 252 2.52 -33.07 41.73
C LYS B 252 1.87 -32.81 43.11
N SER B 253 0.67 -33.34 43.35
CA SER B 253 -0.06 -33.19 44.65
C SER B 253 0.84 -33.45 45.85
N LYS B 254 1.63 -34.51 45.77
CA LYS B 254 2.55 -34.92 46.82
C LYS B 254 3.54 -33.81 47.23
N TYR B 255 3.97 -33.00 46.25
CA TYR B 255 4.98 -31.96 46.46
C TYR B 255 4.41 -30.58 46.78
N PHE B 256 3.23 -30.26 46.21
CA PHE B 256 2.54 -28.99 46.49
C PHE B 256 1.07 -29.10 46.11
N THR B 257 0.27 -28.19 46.69
CA THR B 257 -1.16 -28.19 46.45
C THR B 257 -1.60 -26.90 45.76
N CYS B 258 -2.78 -26.96 45.19
CA CYS B 258 -3.31 -25.89 44.37
C CYS B 258 -3.67 -24.69 45.21
N GLN B 259 -3.25 -23.53 44.76
CA GLN B 259 -3.54 -22.26 45.44
C GLN B 259 -4.51 -21.40 44.65
N CYS B 260 -5.36 -22.00 43.80
CA CYS B 260 -6.22 -21.16 42.93
C CYS B 260 -7.24 -20.37 43.74
N GLY B 261 -7.63 -20.91 44.91
CA GLY B 261 -8.55 -20.22 45.82
C GLY B 261 -10.03 -20.42 45.53
N SER B 262 -10.36 -21.11 44.45
CA SER B 262 -11.75 -21.27 44.03
C SER B 262 -12.52 -22.15 44.99
N GLU B 263 -13.80 -21.84 45.15
CA GLU B 263 -14.73 -22.75 45.82
C GLU B 263 -14.80 -24.10 45.07
N LYS B 264 -14.56 -24.06 43.76
CA LYS B 264 -14.54 -25.27 42.94
C LYS B 264 -13.17 -25.98 42.89
N CYS B 265 -12.22 -25.56 43.70
CA CYS B 265 -10.87 -26.12 43.68
C CYS B 265 -10.86 -27.59 44.01
N LYS B 266 -10.20 -28.40 43.18
CA LYS B 266 -10.18 -29.86 43.33
C LYS B 266 -8.81 -30.46 43.72
N HIS B 267 -7.79 -29.60 43.91
CA HIS B 267 -6.39 -30.03 44.18
C HIS B 267 -5.75 -29.26 45.34
N SER B 268 -6.56 -28.66 46.21
CA SER B 268 -6.09 -27.97 47.40
C SER B 268 -5.82 -29.00 48.49
N ALA B 269 -5.03 -28.60 49.48
CA ALA B 269 -4.79 -29.45 50.64
C ALA B 269 -6.13 -29.96 51.22
N GLU B 270 -7.12 -29.07 51.32
CA GLU B 270 -8.47 -29.47 51.78
C GLU B 270 -9.14 -30.48 50.83
N ALA B 271 -9.09 -30.22 49.54
CA ALA B 271 -9.67 -31.13 48.55
C ALA B 271 -8.97 -32.50 48.54
N ILE B 272 -7.65 -32.51 48.70
CA ILE B 272 -6.90 -33.78 48.74
C ILE B 272 -7.26 -34.55 50.03
N ALA B 273 -7.31 -33.83 51.16
CA ALA B 273 -7.68 -34.41 52.45
C ALA B 273 -9.03 -35.12 52.38
N LEU B 274 -10.03 -34.39 51.89
CA LEU B 274 -11.36 -34.93 51.67
C LEU B 274 -11.35 -36.18 50.78
N GLU B 275 -10.59 -36.14 49.69
CA GLU B 275 -10.54 -37.26 48.74
C GLU B 275 -9.93 -38.54 49.33
N GLN B 276 -8.83 -38.42 50.06
CA GLN B 276 -8.16 -39.59 50.63
C GLN B 276 -8.91 -40.21 51.84
N SER B 277 -9.69 -39.41 52.56
CA SER B 277 -10.60 -39.95 53.59
C SER B 277 -11.83 -40.63 52.96
N ARG B 278 -12.16 -40.22 51.74
CA ARG B 278 -13.31 -40.76 50.98
C ARG B 278 -13.10 -42.23 50.60
N ILE C 11 -20.30 30.17 -35.05
CA ILE C 11 -20.31 29.70 -33.63
C ILE C 11 -20.92 28.31 -33.53
N ILE C 12 -20.09 27.27 -33.70
CA ILE C 12 -20.56 25.88 -33.75
C ILE C 12 -20.38 25.07 -32.45
N CYS C 13 -19.61 25.59 -31.49
CA CYS C 13 -19.53 25.00 -30.15
C CYS C 13 -19.14 26.11 -29.18
N ARG C 14 -19.91 26.30 -28.12
CA ARG C 14 -19.64 27.30 -27.09
C ARG C 14 -18.28 27.06 -26.37
N ASP C 15 -17.94 25.79 -26.15
CA ASP C 15 -16.70 25.42 -25.43
C ASP C 15 -16.34 23.94 -25.71
N VAL C 16 -15.32 23.74 -26.55
CA VAL C 16 -14.80 22.37 -26.87
C VAL C 16 -14.23 21.68 -25.62
N ALA C 17 -13.89 22.46 -24.61
CA ALA C 17 -13.33 21.95 -23.35
C ALA C 17 -14.38 21.49 -22.36
N ARG C 18 -15.68 21.71 -22.64
CA ARG C 18 -16.77 21.28 -21.73
C ARG C 18 -16.67 21.82 -20.29
N GLY C 19 -16.21 23.06 -20.17
CA GLY C 19 -16.08 23.71 -18.85
C GLY C 19 -14.88 23.29 -18.02
N TYR C 20 -13.99 22.48 -18.59
CA TYR C 20 -12.82 21.99 -17.87
C TYR C 20 -11.66 23.00 -17.72
N GLU C 21 -11.66 24.06 -18.52
CA GLU C 21 -10.61 25.06 -18.44
C GLU C 21 -11.15 26.29 -17.68
N ASN C 22 -10.24 27.20 -17.30
CA ASN C 22 -10.66 28.44 -16.62
C ASN C 22 -11.60 29.30 -17.47
N VAL C 23 -11.40 29.27 -18.77
CA VAL C 23 -12.23 29.98 -19.72
C VAL C 23 -12.73 29.04 -20.83
N PRO C 24 -13.85 29.40 -21.48
CA PRO C 24 -14.32 28.61 -22.62
C PRO C 24 -13.40 28.74 -23.83
N ILE C 25 -13.41 27.70 -24.68
CA ILE C 25 -12.69 27.72 -25.96
C ILE C 25 -13.71 27.36 -27.06
N PRO C 26 -14.35 28.39 -27.65
CA PRO C 26 -15.36 28.10 -28.66
C PRO C 26 -14.76 27.67 -29.98
N CYS C 27 -15.62 27.08 -30.81
CA CYS C 27 -15.24 26.63 -32.11
C CYS C 27 -16.11 27.36 -33.13
N VAL C 28 -15.47 27.88 -34.18
CA VAL C 28 -16.17 28.47 -35.33
C VAL C 28 -15.63 27.97 -36.68
N ASN C 29 -16.50 28.01 -37.69
CA ASN C 29 -16.12 27.68 -39.05
C ASN C 29 -16.81 28.63 -40.01
N GLY C 30 -16.05 29.60 -40.53
CA GLY C 30 -16.51 30.50 -41.56
C GLY C 30 -15.99 30.15 -42.93
N VAL C 31 -15.46 28.94 -43.10
CA VAL C 31 -14.72 28.59 -44.31
C VAL C 31 -15.43 27.51 -45.10
N ASP C 32 -15.77 26.40 -44.47
CA ASP C 32 -16.32 25.25 -45.21
C ASP C 32 -17.41 24.54 -44.40
N GLY C 33 -17.82 23.36 -44.85
CA GLY C 33 -18.88 22.62 -44.17
C GLY C 33 -18.45 21.62 -43.11
N GLU C 34 -17.18 21.67 -42.70
CA GLU C 34 -16.66 20.65 -41.77
C GLU C 34 -17.35 20.85 -40.43
N PRO C 35 -17.92 19.78 -39.86
CA PRO C 35 -18.51 19.88 -38.51
C PRO C 35 -17.44 20.00 -37.43
N CYS C 36 -17.83 20.51 -36.26
CA CYS C 36 -16.95 20.62 -35.08
C CYS C 36 -16.25 19.27 -34.84
N PRO C 37 -14.92 19.27 -34.64
CA PRO C 37 -14.25 17.97 -34.58
C PRO C 37 -14.68 17.15 -33.36
N GLU C 38 -14.99 15.88 -33.58
CA GLU C 38 -15.36 15.00 -32.48
C GLU C 38 -14.82 13.56 -32.58
N ASP C 39 -13.75 13.39 -33.34
CA ASP C 39 -13.00 12.14 -33.46
C ASP C 39 -11.89 12.01 -32.41
N TYR C 40 -12.07 12.62 -31.25
CA TYR C 40 -11.09 12.57 -30.16
C TYR C 40 -11.89 12.90 -28.90
N LYS C 41 -11.28 12.62 -27.75
CA LYS C 41 -11.84 12.97 -26.46
C LYS C 41 -11.08 14.16 -25.85
N TYR C 42 -11.80 15.27 -25.60
CA TYR C 42 -11.15 16.42 -24.96
C TYR C 42 -10.89 16.14 -23.50
N ILE C 43 -9.63 16.26 -23.09
CA ILE C 43 -9.18 16.16 -21.68
C ILE C 43 -8.33 17.39 -21.33
N SER C 44 -8.47 17.91 -20.12
CA SER C 44 -7.70 19.11 -19.68
C SER C 44 -6.36 18.76 -19.06
N GLU C 45 -6.23 17.52 -18.56
CA GLU C 45 -4.99 17.00 -18.01
C GLU C 45 -4.61 15.68 -18.66
N ASN C 46 -3.30 15.40 -18.68
CA ASN C 46 -2.78 14.18 -19.29
C ASN C 46 -3.39 12.94 -18.67
N CYS C 47 -3.57 11.91 -19.50
CA CYS C 47 -4.16 10.67 -19.09
C CYS C 47 -3.22 9.53 -19.39
N GLU C 48 -3.54 8.36 -18.81
CA GLU C 48 -2.77 7.11 -18.96
C GLU C 48 -3.70 6.06 -19.50
N THR C 49 -3.20 5.19 -20.37
CA THR C 49 -3.93 3.97 -20.76
C THR C 49 -3.10 2.69 -20.52
N SER C 50 -2.02 2.78 -19.75
CA SER C 50 -1.25 1.62 -19.29
C SER C 50 -0.59 1.99 -17.96
N THR C 51 0.07 1.03 -17.32
CA THR C 51 0.68 1.30 -16.01
C THR C 51 1.92 2.16 -16.24
N MET C 52 1.86 3.42 -15.77
CA MET C 52 3.00 4.36 -15.84
C MET C 52 3.67 4.57 -14.48
N ASN C 53 2.87 4.60 -13.41
CA ASN C 53 3.32 4.81 -12.03
C ASN C 53 4.15 6.06 -11.97
N ILE C 54 3.53 7.16 -12.31
CA ILE C 54 4.17 8.44 -12.10
C ILE C 54 4.50 8.55 -10.61
N ASP C 55 5.72 8.97 -10.30
CA ASP C 55 6.18 9.07 -8.93
C ASP C 55 5.49 10.24 -8.27
N ARG C 56 4.43 9.95 -7.52
CA ARG C 56 3.68 10.98 -6.79
C ARG C 56 4.04 11.10 -5.30
N ASN C 57 5.01 10.31 -4.84
CA ASN C 57 5.46 10.32 -3.44
C ASN C 57 5.85 11.74 -3.00
N ILE C 58 5.11 12.27 -2.02
CA ILE C 58 5.29 13.67 -1.58
C ILE C 58 6.69 13.93 -1.02
N THR C 59 7.32 12.90 -0.46
CA THR C 59 8.68 13.00 0.10
C THR C 59 9.75 13.07 -0.98
N HIS C 60 9.40 12.77 -2.23
CA HIS C 60 10.33 12.90 -3.38
C HIS C 60 10.29 14.28 -4.03
N LEU C 61 9.45 15.17 -3.54
CA LEU C 61 9.39 16.55 -4.06
C LEU C 61 10.51 17.40 -3.46
N GLN C 62 11.31 18.01 -4.33
CA GLN C 62 12.11 19.15 -3.92
C GLN C 62 11.17 20.33 -3.72
N HIS C 63 11.44 21.12 -2.70
CA HIS C 63 10.50 22.14 -2.30
C HIS C 63 11.20 23.21 -1.54
N CYS C 64 10.53 24.33 -1.38
CA CYS C 64 11.12 25.49 -0.74
C CYS C 64 10.54 25.74 0.63
N THR C 65 11.28 26.58 1.36
CA THR C 65 10.92 26.98 2.70
C THR C 65 10.49 28.46 2.79
N CYS C 66 10.26 29.11 1.64
CA CYS C 66 9.91 30.53 1.62
C CYS C 66 8.69 30.93 2.45
N VAL C 67 8.87 32.02 3.19
CA VAL C 67 7.78 32.66 3.93
C VAL C 67 7.26 33.93 3.25
N ASP C 68 7.77 34.24 2.04
CA ASP C 68 7.27 35.36 1.24
C ASP C 68 6.48 34.80 0.03
N ASP C 69 6.44 35.54 -1.09
CA ASP C 69 5.76 35.07 -2.31
C ASP C 69 6.69 34.36 -3.28
N CYS C 70 7.85 33.90 -2.81
CA CYS C 70 8.81 33.18 -3.67
C CYS C 70 9.34 34.05 -4.80
N SER C 71 9.35 35.35 -4.58
CA SER C 71 9.95 36.28 -5.53
C SER C 71 11.45 36.47 -5.29
N SER C 72 12.01 35.95 -4.19
CA SER C 72 13.44 36.12 -3.87
C SER C 72 14.30 35.06 -4.57
N SER C 73 15.56 35.38 -4.82
CA SER C 73 16.51 34.41 -5.42
C SER C 73 16.84 33.23 -4.50
N ASN C 74 16.47 33.34 -3.24
CA ASN C 74 16.67 32.30 -2.25
C ASN C 74 15.66 31.13 -2.38
N CYS C 75 14.58 31.34 -3.12
CA CYS C 75 13.62 30.24 -3.35
C CYS C 75 14.30 29.05 -4.02
N LEU C 76 14.29 27.90 -3.34
CA LEU C 76 14.94 26.69 -3.84
CA LEU C 76 14.95 26.69 -3.86
C LEU C 76 14.35 26.28 -5.18
N CYS C 77 13.03 26.41 -5.29
CA CYS C 77 12.33 26.04 -6.53
C CYS C 77 12.79 26.85 -7.71
N GLY C 78 12.89 28.16 -7.54
CA GLY C 78 13.50 29.01 -8.55
C GLY C 78 14.92 28.62 -8.93
N GLN C 79 15.76 28.32 -7.94
CA GLN C 79 17.14 27.89 -8.17
C GLN C 79 17.25 26.57 -8.94
N LEU C 80 16.32 25.65 -8.74
CA LEU C 80 16.27 24.42 -9.57
C LEU C 80 16.02 24.75 -11.03
N SER C 81 15.30 25.85 -11.24
CA SER C 81 14.97 26.38 -12.56
C SER C 81 16.04 27.37 -13.05
N ILE C 82 17.23 27.37 -12.41
CA ILE C 82 18.27 28.42 -12.54
C ILE C 82 17.92 29.70 -11.75
N ARG C 83 16.84 30.35 -12.17
CA ARG C 83 16.10 31.30 -11.34
C ARG C 83 14.60 31.12 -11.67
N CYS C 84 13.72 31.76 -10.91
CA CYS C 84 12.33 31.89 -11.34
C CYS C 84 12.28 32.82 -12.52
N TRP C 85 11.71 32.34 -13.63
CA TRP C 85 11.59 33.14 -14.84
C TRP C 85 10.29 33.94 -14.96
N TYR C 86 9.43 33.89 -13.95
CA TYR C 86 8.18 34.60 -14.00
C TYR C 86 8.32 36.01 -13.41
N ASP C 87 7.87 37.02 -14.15
CA ASP C 87 7.72 38.39 -13.60
C ASP C 87 6.50 38.48 -12.69
N LYS C 88 6.28 39.66 -12.10
CA LYS C 88 5.13 39.86 -11.18
C LYS C 88 3.74 39.52 -11.75
N ASP C 89 3.60 39.58 -13.07
CA ASP C 89 2.35 39.26 -13.77
C ASP C 89 2.31 37.82 -14.35
N GLY C 90 3.31 37.00 -14.03
CA GLY C 90 3.32 35.59 -14.47
C GLY C 90 3.85 35.36 -15.88
N ARG C 91 4.53 36.36 -16.45
CA ARG C 91 5.10 36.27 -17.81
C ARG C 91 6.58 35.99 -17.73
N LEU C 92 7.09 35.25 -18.70
CA LEU C 92 8.51 34.95 -18.78
C LEU C 92 9.28 36.24 -18.95
N LEU C 93 10.48 36.29 -18.36
CA LEU C 93 11.34 37.48 -18.47
C LEU C 93 11.85 37.54 -19.90
N GLN C 94 11.96 38.74 -20.46
CA GLN C 94 12.48 38.95 -21.83
C GLN C 94 13.77 38.19 -22.10
N GLU C 95 14.61 38.08 -21.07
CA GLU C 95 15.88 37.36 -21.11
C GLU C 95 15.76 35.82 -21.26
N PHE C 96 14.57 35.27 -21.08
CA PHE C 96 14.38 33.82 -21.12
C PHE C 96 14.98 33.24 -22.41
N ASN C 97 15.69 32.13 -22.26
CA ASN C 97 16.21 31.39 -23.39
C ASN C 97 15.09 30.68 -24.17
N LYS C 98 14.75 31.20 -25.34
CA LYS C 98 13.63 30.71 -26.15
C LYS C 98 14.03 29.60 -27.13
N ILE C 99 15.33 29.39 -27.34
CA ILE C 99 15.83 28.32 -28.24
C ILE C 99 16.02 27.00 -27.49
N GLU C 100 16.65 27.06 -26.31
CA GLU C 100 16.87 25.91 -25.44
C GLU C 100 16.40 26.28 -24.03
N PRO C 101 15.08 26.19 -23.79
CA PRO C 101 14.54 26.60 -22.49
C PRO C 101 14.96 25.66 -21.38
N PRO C 102 15.22 26.20 -20.16
CA PRO C 102 15.53 25.33 -19.03
C PRO C 102 14.27 24.58 -18.58
N LEU C 103 14.47 23.54 -17.77
CA LEU C 103 13.37 22.90 -17.05
C LEU C 103 12.89 23.86 -15.98
N ILE C 104 11.57 24.06 -15.89
CA ILE C 104 10.99 24.86 -14.83
C ILE C 104 10.43 23.98 -13.72
N PHE C 105 10.82 24.26 -12.46
CA PHE C 105 10.21 23.63 -11.28
C PHE C 105 9.32 24.64 -10.59
N GLU C 106 8.01 24.46 -10.75
CA GLU C 106 7.04 25.28 -10.01
C GLU C 106 6.94 24.79 -8.59
N CYS C 107 6.41 25.66 -7.74
CA CYS C 107 6.19 25.28 -6.33
C CYS C 107 5.06 24.25 -6.30
N ASN C 108 4.96 23.59 -5.17
CA ASN C 108 4.14 22.41 -5.08
C ASN C 108 3.63 22.25 -3.68
N GLN C 109 2.85 21.21 -3.49
CA GLN C 109 2.23 20.90 -2.21
C GLN C 109 3.18 20.66 -1.01
N ALA C 110 4.48 20.39 -1.26
CA ALA C 110 5.47 20.25 -0.20
C ALA C 110 6.09 21.60 0.20
N CYS C 111 6.01 22.62 -0.65
CA CYS C 111 6.56 23.94 -0.35
C CYS C 111 5.81 24.61 0.79
N SER C 112 6.53 25.46 1.53
CA SER C 112 5.95 26.16 2.68
CA SER C 112 5.95 26.14 2.69
C SER C 112 5.12 27.34 2.27
N CYS C 113 5.31 27.78 1.02
CA CYS C 113 4.58 28.92 0.47
C CYS C 113 3.10 28.70 0.23
N TRP C 114 2.43 29.82 -0.05
CA TRP C 114 1.03 29.84 -0.40
C TRP C 114 0.75 29.48 -1.87
N ARG C 115 -0.48 29.05 -2.11
CA ARG C 115 -0.90 28.61 -3.44
C ARG C 115 -0.87 29.77 -4.45
N ASN C 116 -0.84 31.00 -3.95
CA ASN C 116 -0.79 32.18 -4.82
C ASN C 116 0.62 32.78 -4.99
N CYS C 117 1.67 32.01 -4.67
CA CYS C 117 3.04 32.49 -4.83
C CYS C 117 3.37 32.77 -6.30
N LYS C 118 4.48 33.46 -6.56
CA LYS C 118 4.85 33.90 -7.93
C LYS C 118 5.45 32.81 -8.82
N ASN C 119 5.60 31.60 -8.28
CA ASN C 119 6.13 30.46 -9.03
C ASN C 119 5.10 29.37 -9.30
N ARG C 120 3.92 29.75 -9.82
CA ARG C 120 2.81 28.81 -10.02
C ARG C 120 1.96 29.12 -11.27
N VAL C 121 2.61 29.64 -12.30
CA VAL C 121 1.87 30.09 -13.48
C VAL C 121 1.20 28.94 -14.25
N VAL C 122 1.96 27.90 -14.58
CA VAL C 122 1.41 26.81 -15.42
C VAL C 122 0.33 26.02 -14.72
N GLN C 123 0.54 25.70 -13.45
CA GLN C 123 -0.49 24.99 -12.63
C GLN C 123 -1.81 25.78 -12.43
N SER C 124 -1.77 27.10 -12.65
CA SER C 124 -2.95 27.96 -12.57
C SER C 124 -3.82 27.95 -13.84
N GLY C 125 -3.32 27.34 -14.92
CA GLY C 125 -4.12 27.07 -16.12
C GLY C 125 -4.25 28.19 -17.14
N ILE C 126 -5.18 28.01 -18.08
CA ILE C 126 -5.36 28.93 -19.21
C ILE C 126 -6.01 30.23 -18.68
N LYS C 127 -5.49 31.37 -19.12
CA LYS C 127 -6.13 32.67 -18.82
C LYS C 127 -6.48 33.48 -20.06
N VAL C 128 -5.82 33.22 -21.20
CA VAL C 128 -6.09 33.94 -22.45
C VAL C 128 -7.29 33.37 -23.21
N ARG C 129 -7.95 34.22 -23.99
CA ARG C 129 -9.12 33.79 -24.78
C ARG C 129 -8.61 33.23 -26.10
N LEU C 130 -8.89 31.95 -26.34
CA LEU C 130 -8.52 31.26 -27.57
C LEU C 130 -9.76 30.82 -28.29
N GLN C 131 -9.59 30.44 -29.54
CA GLN C 131 -10.69 29.93 -30.36
C GLN C 131 -10.18 28.87 -31.33
N LEU C 132 -10.92 27.76 -31.39
CA LEU C 132 -10.70 26.72 -32.40
C LEU C 132 -11.43 27.21 -33.66
N TYR C 133 -10.73 27.27 -34.78
CA TYR C 133 -11.35 27.81 -35.99
C TYR C 133 -10.88 27.10 -37.21
N ARG C 134 -11.64 27.22 -38.29
CA ARG C 134 -11.29 26.57 -39.54
C ARG C 134 -10.38 27.52 -40.32
N THR C 135 -9.19 27.05 -40.69
CA THR C 135 -8.24 27.88 -41.42
C THR C 135 -8.58 27.84 -42.89
N ALA C 136 -7.91 28.69 -43.67
CA ALA C 136 -8.10 28.69 -45.13
C ALA C 136 -7.52 27.43 -45.78
N LYS C 137 -6.32 27.01 -45.37
CA LYS C 137 -5.57 25.95 -46.09
C LYS C 137 -5.00 24.80 -45.25
N MET C 138 -5.24 24.80 -43.93
CA MET C 138 -4.57 23.88 -43.02
C MET C 138 -5.51 23.20 -42.03
N GLY C 139 -6.75 22.96 -42.46
CA GLY C 139 -7.75 22.37 -41.56
C GLY C 139 -8.06 23.25 -40.36
N TRP C 140 -8.17 22.62 -39.18
CA TRP C 140 -8.47 23.35 -37.95
C TRP C 140 -7.19 23.97 -37.45
N GLY C 141 -7.35 25.10 -36.76
CA GLY C 141 -6.25 25.79 -36.12
C GLY C 141 -6.76 26.51 -34.86
N VAL C 142 -5.85 27.16 -34.14
CA VAL C 142 -6.17 27.81 -32.92
C VAL C 142 -5.67 29.23 -33.04
N ARG C 143 -6.52 30.18 -32.68
CA ARG C 143 -6.12 31.58 -32.65
C ARG C 143 -6.51 32.32 -31.39
N ALA C 144 -5.85 33.45 -31.21
CA ALA C 144 -6.07 34.31 -30.06
C ALA C 144 -7.23 35.27 -30.34
N LEU C 145 -8.10 35.46 -29.35
CA LEU C 145 -9.20 36.47 -29.39
C LEU C 145 -8.87 37.73 -28.57
N GLN C 146 -7.59 37.95 -28.32
CA GLN C 146 -7.12 39.09 -27.54
C GLN C 146 -5.67 39.29 -27.89
N THR C 147 -5.16 40.49 -27.62
CA THR C 147 -3.73 40.72 -27.74
C THR C 147 -3.09 39.94 -26.59
N ILE C 148 -1.94 39.32 -26.85
CA ILE C 148 -1.19 38.54 -25.85
C ILE C 148 0.27 39.01 -25.83
N PRO C 149 0.70 39.67 -24.73
CA PRO C 149 2.12 40.02 -24.65
C PRO C 149 3.09 38.85 -24.68
N GLN C 150 4.31 39.10 -25.15
CA GLN C 150 5.42 38.14 -25.08
C GLN C 150 5.53 37.52 -23.68
N GLY C 151 5.86 36.23 -23.63
CA GLY C 151 6.08 35.50 -22.39
C GLY C 151 4.86 35.02 -21.63
N THR C 152 3.67 35.11 -22.24
CA THR C 152 2.44 34.78 -21.52
C THR C 152 2.22 33.27 -21.67
N PHE C 153 1.78 32.62 -20.60
CA PHE C 153 1.42 31.20 -20.68
C PHE C 153 0.11 31.12 -21.48
N ILE C 154 0.12 30.26 -22.49
CA ILE C 154 -1.02 30.09 -23.40
C ILE C 154 -1.85 28.87 -23.01
N CYS C 155 -1.23 27.70 -23.11
CA CYS C 155 -1.90 26.41 -22.89
C CYS C 155 -0.85 25.29 -22.83
N GLU C 156 -1.24 24.12 -22.34
CA GLU C 156 -0.34 23.00 -22.14
C GLU C 156 -0.55 22.02 -23.28
N TYR C 157 0.49 21.28 -23.69
CA TYR C 157 0.30 20.18 -24.65
C TYR C 157 -0.15 18.97 -23.87
N VAL C 158 -1.43 18.65 -23.96
CA VAL C 158 -2.04 17.58 -23.14
C VAL C 158 -2.45 16.42 -23.99
N GLY C 159 -2.25 15.21 -23.48
CA GLY C 159 -2.71 14.05 -24.17
C GLY C 159 -2.51 12.78 -23.40
N GLU C 160 -2.37 11.69 -24.14
CA GLU C 160 -2.18 10.36 -23.56
C GLU C 160 -0.67 10.16 -23.41
N LEU C 161 -0.24 9.73 -22.23
CA LEU C 161 1.17 9.45 -21.98
C LEU C 161 1.46 8.04 -22.48
N ILE C 162 2.40 7.91 -23.41
CA ILE C 162 2.80 6.60 -23.95
C ILE C 162 4.33 6.45 -23.95
N SER C 163 4.81 5.20 -23.91
CA SER C 163 6.24 4.95 -24.04
C SER C 163 6.66 5.10 -25.50
N ASP C 164 7.95 5.32 -25.71
CA ASP C 164 8.55 5.30 -27.07
C ASP C 164 8.21 4.02 -27.82
N ALA C 165 8.20 2.88 -27.12
CA ALA C 165 7.79 1.57 -27.68
C ALA C 165 6.36 1.57 -28.25
N GLU C 166 5.42 2.18 -27.54
CA GLU C 166 4.03 2.26 -27.97
C GLU C 166 3.91 3.24 -29.14
N ALA C 167 4.58 4.38 -29.02
CA ALA C 167 4.67 5.36 -30.13
C ALA C 167 5.29 4.75 -31.39
N ASP C 168 6.27 3.88 -31.23
CA ASP C 168 6.91 3.18 -32.37
C ASP C 168 5.97 2.26 -33.18
N VAL C 169 4.85 1.83 -32.59
CA VAL C 169 3.83 1.00 -33.30
C VAL C 169 2.47 1.67 -33.56
N ARG C 170 2.34 2.96 -33.31
CA ARG C 170 1.05 3.65 -33.55
C ARG C 170 0.91 4.15 -35.00
N GLU C 171 -0.29 3.97 -35.54
CA GLU C 171 -0.58 4.26 -36.95
C GLU C 171 -0.49 5.76 -37.27
N ASP C 172 -1.23 6.57 -36.52
CA ASP C 172 -1.24 8.02 -36.68
C ASP C 172 -0.26 8.72 -35.72
N ASP C 173 0.85 9.22 -36.26
CA ASP C 173 1.85 9.94 -35.49
C ASP C 173 1.80 11.46 -35.72
N SER C 174 0.65 11.99 -36.16
CA SER C 174 0.47 13.43 -36.44
C SER C 174 0.28 14.30 -35.22
N TYR C 175 -0.06 13.69 -34.08
CA TYR C 175 -0.34 14.44 -32.85
C TYR C 175 0.54 13.96 -31.73
N LEU C 176 1.83 13.81 -32.00
CA LEU C 176 2.77 13.25 -31.04
C LEU C 176 3.76 14.33 -30.61
N PHE C 177 4.01 14.39 -29.31
CA PHE C 177 5.05 15.27 -28.76
C PHE C 177 6.03 14.44 -27.96
N ASP C 178 7.32 14.55 -28.26
CA ASP C 178 8.38 13.78 -27.59
C ASP C 178 8.83 14.40 -26.28
N LEU C 179 8.84 13.61 -25.22
CA LEU C 179 9.44 14.00 -23.93
C LEU C 179 10.82 13.32 -23.82
N ASP C 180 11.89 14.03 -24.18
CA ASP C 180 13.26 13.45 -24.20
C ASP C 180 13.98 13.73 -22.87
N ASN C 181 14.04 12.74 -21.98
CA ASN C 181 14.60 12.92 -20.61
C ASN C 181 16.10 12.57 -20.55
CA GLU C 185 14.00 5.06 -22.25
C GLU C 185 13.25 6.38 -22.06
N VAL C 186 12.63 6.85 -23.15
CA VAL C 186 11.86 8.12 -23.17
C VAL C 186 10.38 7.92 -23.48
N TYR C 187 9.58 8.98 -23.22
CA TYR C 187 8.12 8.93 -23.34
C TYR C 187 7.60 10.05 -24.24
N CYS C 188 6.33 9.90 -24.67
CA CYS C 188 5.65 10.83 -25.58
C CYS C 188 4.26 11.18 -25.05
N ILE C 189 3.75 12.33 -25.47
CA ILE C 189 2.34 12.65 -25.32
C ILE C 189 1.71 12.43 -26.69
N ASP C 190 0.69 11.57 -26.76
CA ASP C 190 -0.03 11.32 -28.00
C ASP C 190 -1.40 11.93 -27.86
N ALA C 191 -1.68 12.95 -28.66
CA ALA C 191 -2.95 13.71 -28.57
C ALA C 191 -3.97 13.30 -29.65
N ARG C 192 -3.73 12.19 -30.32
CA ARG C 192 -4.64 11.73 -31.37
C ARG C 192 -6.02 11.36 -30.83
N TYR C 193 -6.05 10.53 -29.80
CA TYR C 193 -7.32 10.01 -29.25
C TYR C 193 -7.84 10.78 -28.07
N TYR C 194 -6.94 11.27 -27.22
CA TYR C 194 -7.26 12.09 -26.07
C TYR C 194 -6.35 13.29 -26.10
N GLY C 195 -6.90 14.50 -25.96
CA GLY C 195 -6.07 15.71 -26.05
C GLY C 195 -6.85 16.96 -25.70
N ASN C 196 -6.15 18.08 -25.55
CA ASN C 196 -6.80 19.37 -25.29
C ASN C 196 -6.68 20.25 -26.54
N ILE C 197 -6.91 21.55 -26.36
CA ILE C 197 -6.85 22.53 -27.45
C ILE C 197 -5.52 22.53 -28.22
N SER C 198 -4.40 22.17 -27.58
CA SER C 198 -3.08 22.19 -28.26
CA SER C 198 -3.08 22.19 -28.25
C SER C 198 -2.96 21.23 -29.43
N ARG C 199 -3.77 20.16 -29.43
CA ARG C 199 -3.74 19.20 -30.53
C ARG C 199 -4.09 19.83 -31.89
N PHE C 200 -4.77 20.99 -31.86
CA PHE C 200 -5.20 21.66 -33.08
C PHE C 200 -4.20 22.76 -33.50
N ILE C 201 -3.13 22.97 -32.75
CA ILE C 201 -2.19 24.05 -33.09
C ILE C 201 -1.34 23.61 -34.28
N ASN C 202 -1.30 24.46 -35.32
CA ASN C 202 -0.50 24.18 -36.51
C ASN C 202 0.98 24.50 -36.35
N HIS C 203 1.77 23.97 -37.27
CA HIS C 203 3.21 24.16 -37.28
C HIS C 203 3.63 25.50 -37.90
N LEU C 204 4.56 26.20 -37.24
CA LEU C 204 5.22 27.40 -37.82
C LEU C 204 6.73 27.27 -37.71
N CYS C 205 7.44 27.54 -38.81
CA CYS C 205 8.90 27.62 -38.81
C CYS C 205 9.41 28.91 -38.10
N ASP C 206 8.58 29.95 -38.11
CA ASP C 206 8.76 31.17 -37.29
C ASP C 206 7.63 31.22 -36.24
N PRO C 207 7.77 30.42 -35.18
CA PRO C 207 6.62 30.23 -34.30
C PRO C 207 6.38 31.40 -33.36
N ASN C 208 5.12 31.58 -32.95
CA ASN C 208 4.78 32.61 -31.97
C ASN C 208 4.56 32.06 -30.56
N ILE C 209 4.66 30.73 -30.37
CA ILE C 209 4.68 30.12 -29.06
C ILE C 209 5.81 29.10 -28.98
N ILE C 210 6.30 28.86 -27.75
CA ILE C 210 7.39 27.92 -27.56
C ILE C 210 7.07 26.95 -26.42
N PRO C 211 7.48 25.68 -26.59
CA PRO C 211 7.25 24.68 -25.54
C PRO C 211 8.34 24.75 -24.47
N VAL C 212 7.92 24.63 -23.21
CA VAL C 212 8.79 24.59 -22.05
C VAL C 212 8.40 23.41 -21.19
N ARG C 213 9.41 22.65 -20.77
CA ARG C 213 9.20 21.51 -19.86
CA ARG C 213 9.22 21.52 -19.85
C ARG C 213 9.04 22.01 -18.41
N VAL C 214 7.95 21.61 -17.76
CA VAL C 214 7.61 22.13 -16.44
C VAL C 214 7.25 20.98 -15.50
N PHE C 215 7.61 21.16 -14.24
CA PHE C 215 7.21 20.26 -13.16
C PHE C 215 6.39 20.99 -12.12
N MET C 216 5.29 20.38 -11.70
CA MET C 216 4.37 20.98 -10.76
C MET C 216 4.12 20.01 -9.61
N LEU C 217 3.08 19.14 -9.70
CA LEU C 217 2.67 18.32 -8.56
C LEU C 217 3.48 17.05 -8.35
N HIS C 218 4.35 16.75 -9.31
CA HIS C 218 5.29 15.66 -9.18
C HIS C 218 6.55 16.09 -9.88
N GLN C 219 7.64 15.40 -9.58
CA GLN C 219 8.93 15.68 -10.22
C GLN C 219 9.56 14.43 -10.86
N ASP C 220 8.69 13.55 -11.37
CA ASP C 220 9.08 12.41 -12.19
C ASP C 220 9.62 12.89 -13.55
N LEU C 221 10.93 12.75 -13.72
CA LEU C 221 11.63 13.35 -14.87
C LEU C 221 11.33 12.69 -16.21
N ARG C 222 10.68 11.52 -16.20
CA ARG C 222 10.12 10.94 -17.44
C ARG C 222 8.97 11.79 -18.00
N PHE C 223 8.28 12.54 -17.12
CA PHE C 223 7.03 13.20 -17.51
C PHE C 223 6.98 14.68 -17.22
N PRO C 224 7.90 15.46 -17.81
CA PRO C 224 7.70 16.88 -17.78
C PRO C 224 6.37 17.19 -18.47
N ARG C 225 5.69 18.24 -18.00
CA ARG C 225 4.50 18.74 -18.67
C ARG C 225 4.93 19.87 -19.63
N ILE C 226 4.27 19.92 -20.78
CA ILE C 226 4.71 20.80 -21.86
C ILE C 226 3.83 22.05 -21.88
N ALA C 227 4.41 23.21 -21.56
CA ALA C 227 3.64 24.46 -21.44
C ALA C 227 4.09 25.34 -22.58
N PHE C 228 3.14 25.86 -23.36
CA PHE C 228 3.44 26.84 -24.40
C PHE C 228 3.35 28.24 -23.82
N PHE C 229 4.36 29.05 -24.14
CA PHE C 229 4.43 30.47 -23.82
C PHE C 229 4.65 31.22 -25.15
N SER C 230 4.04 32.40 -25.27
CA SER C 230 4.24 33.25 -26.42
C SER C 230 5.71 33.68 -26.50
N SER C 231 6.26 33.62 -27.70
CA SER C 231 7.65 33.97 -27.94
C SER C 231 7.76 35.47 -28.32
N ARG C 232 6.62 36.08 -28.60
CA ARG C 232 6.55 37.51 -28.90
CA ARG C 232 6.54 37.51 -28.93
C ARG C 232 5.14 38.01 -28.65
N ASP C 233 4.92 39.31 -28.82
CA ASP C 233 3.58 39.86 -28.74
C ASP C 233 2.74 39.22 -29.84
N ILE C 234 1.50 38.86 -29.49
CA ILE C 234 0.56 38.23 -30.43
C ILE C 234 -0.65 39.14 -30.54
N ARG C 235 -1.08 39.42 -31.79
CA ARG C 235 -2.24 40.24 -32.07
C ARG C 235 -3.56 39.43 -32.02
N THR C 236 -4.66 40.13 -31.76
CA THR C 236 -5.95 39.48 -31.82
C THR C 236 -6.15 38.85 -33.21
N GLY C 237 -6.77 37.68 -33.22
CA GLY C 237 -7.01 36.93 -34.44
C GLY C 237 -5.82 36.20 -35.03
N GLU C 238 -4.62 36.44 -34.50
CA GLU C 238 -3.43 35.79 -35.01
C GLU C 238 -3.45 34.28 -34.68
N GLU C 239 -3.14 33.45 -35.68
CA GLU C 239 -3.05 32.01 -35.45
C GLU C 239 -1.80 31.59 -34.67
N LEU C 240 -2.03 30.73 -33.67
CA LEU C 240 -0.96 30.15 -32.91
C LEU C 240 -0.23 29.10 -33.73
N GLY C 241 1.06 29.00 -33.47
CA GLY C 241 1.85 27.96 -34.05
C GLY C 241 3.17 27.78 -33.33
N PHE C 242 3.56 26.52 -33.20
CA PHE C 242 4.86 26.16 -32.61
C PHE C 242 5.62 25.37 -33.64
N ASP C 243 6.91 25.21 -33.39
CA ASP C 243 7.80 24.49 -34.29
C ASP C 243 7.80 23.02 -33.87
N TYR C 244 7.15 22.20 -34.69
CA TYR C 244 7.02 20.77 -34.45
C TYR C 244 8.34 20.06 -34.35
N GLY C 245 9.35 20.60 -35.04
CA GLY C 245 10.71 20.14 -34.90
C GLY C 245 11.14 19.25 -36.05
N ASP C 246 12.43 18.92 -36.05
CA ASP C 246 13.03 18.18 -37.14
C ASP C 246 12.60 16.74 -37.25
N ARG C 247 12.30 16.06 -36.14
CA ARG C 247 11.85 14.67 -36.24
C ARG C 247 10.54 14.57 -36.97
N PHE C 248 9.60 15.44 -36.61
CA PHE C 248 8.32 15.47 -37.27
C PHE C 248 8.49 15.59 -38.77
N TRP C 249 9.28 16.57 -39.20
CA TRP C 249 9.41 16.90 -40.62
C TRP C 249 10.23 15.86 -41.38
N ASP C 250 11.23 15.28 -40.72
CA ASP C 250 12.01 14.16 -41.29
C ASP C 250 11.09 13.02 -41.65
N ILE C 251 10.11 12.73 -40.80
CA ILE C 251 9.19 11.63 -41.08
C ILE C 251 8.11 12.05 -42.08
N LYS C 252 7.54 13.23 -41.90
CA LYS C 252 6.41 13.65 -42.73
C LYS C 252 6.77 14.23 -44.10
N SER C 253 7.99 14.70 -44.30
CA SER C 253 8.32 15.36 -45.58
C SER C 253 8.29 14.40 -46.78
N LYS C 254 8.29 13.08 -46.53
CA LYS C 254 8.06 12.08 -47.58
C LYS C 254 6.60 12.05 -48.08
N TYR C 255 5.68 12.62 -47.31
CA TYR C 255 4.26 12.65 -47.62
C TYR C 255 3.82 14.06 -48.02
N PHE C 256 4.22 15.07 -47.25
CA PHE C 256 3.89 16.48 -47.54
C PHE C 256 4.97 17.40 -46.99
N THR C 257 4.99 18.64 -47.46
CA THR C 257 5.96 19.62 -47.01
C THR C 257 5.26 20.81 -46.37
N CYS C 258 6.05 21.65 -45.71
CA CYS C 258 5.47 22.74 -44.92
C CYS C 258 4.81 23.80 -45.78
N GLN C 259 3.66 24.30 -45.33
CA GLN C 259 2.93 25.36 -46.03
C GLN C 259 2.76 26.61 -45.14
N CYS C 260 3.65 26.81 -44.16
CA CYS C 260 3.60 28.01 -43.30
C CYS C 260 3.73 29.28 -44.11
N GLY C 261 4.47 29.23 -45.22
CA GLY C 261 4.57 30.36 -46.13
C GLY C 261 5.55 31.45 -45.75
N SER C 262 6.31 31.26 -44.68
CA SER C 262 7.29 32.27 -44.25
C SER C 262 8.48 32.24 -45.16
N GLU C 263 9.17 33.38 -45.26
CA GLU C 263 10.50 33.45 -45.87
C GLU C 263 11.52 32.68 -45.02
N LYS C 264 11.23 32.54 -43.71
CA LYS C 264 12.06 31.76 -42.78
C LYS C 264 11.75 30.24 -42.77
N CYS C 265 10.89 29.77 -43.67
CA CYS C 265 10.51 28.36 -43.70
C CYS C 265 11.70 27.43 -43.90
N LYS C 266 11.76 26.36 -43.10
CA LYS C 266 12.88 25.41 -43.11
C LYS C 266 12.49 24.03 -43.65
N HIS C 267 11.20 23.81 -43.95
CA HIS C 267 10.68 22.47 -44.26
C HIS C 267 9.75 22.49 -45.45
N SER C 268 9.84 23.50 -46.31
CA SER C 268 9.11 23.47 -47.59
C SER C 268 9.93 22.59 -48.53
N ALA C 269 9.35 22.25 -49.67
CA ALA C 269 10.08 21.50 -50.70
C ALA C 269 11.37 22.24 -51.10
N GLU C 270 11.27 23.55 -51.16
CA GLU C 270 12.34 24.41 -51.63
C GLU C 270 13.44 24.47 -50.59
N ALA C 271 13.05 24.70 -49.33
CA ALA C 271 14.01 24.70 -48.21
C ALA C 271 14.81 23.40 -48.13
N ILE C 272 14.13 22.27 -48.33
CA ILE C 272 14.76 20.95 -48.21
C ILE C 272 15.70 20.69 -49.39
N ALA C 273 15.32 21.13 -50.58
CA ALA C 273 16.19 21.07 -51.76
C ALA C 273 17.49 21.82 -51.50
N LEU C 274 17.36 23.03 -50.97
CA LEU C 274 18.51 23.88 -50.63
C LEU C 274 19.41 23.28 -49.55
N GLU C 275 18.79 22.70 -48.52
CA GLU C 275 19.50 21.88 -47.52
C GLU C 275 20.41 20.84 -48.17
N GLN C 276 19.87 20.09 -49.15
CA GLN C 276 20.63 19.08 -49.89
C GLN C 276 21.77 19.70 -50.73
N SER C 277 21.54 20.89 -51.28
CA SER C 277 22.60 21.68 -51.92
C SER C 277 23.71 22.07 -50.91
N ARG C 278 23.33 22.50 -49.72
CA ARG C 278 24.27 22.85 -48.64
C ARG C 278 24.84 21.60 -47.96
N THR D 8 -6.35 -2.27 -25.11
CA THR D 8 -6.25 -1.70 -23.73
C THR D 8 -5.46 -2.61 -22.76
N GLU D 9 -4.83 -2.02 -21.75
CA GLU D 9 -4.20 -2.79 -20.67
C GLU D 9 -5.25 -3.13 -19.66
N LYS D 10 -5.55 -4.43 -19.52
CA LYS D 10 -6.59 -4.92 -18.59
C LYS D 10 -5.93 -5.41 -17.30
N ILE D 11 -6.56 -5.15 -16.14
CA ILE D 11 -6.14 -5.73 -14.86
C ILE D 11 -6.84 -7.08 -14.80
N ILE D 12 -6.09 -8.16 -14.91
CA ILE D 12 -6.69 -9.50 -14.95
C ILE D 12 -6.63 -10.28 -13.63
N CYS D 13 -5.85 -9.79 -12.66
CA CYS D 13 -5.83 -10.37 -11.31
C CYS D 13 -5.36 -9.26 -10.38
N ARG D 14 -6.11 -8.97 -9.32
CA ARG D 14 -5.68 -7.96 -8.33
C ARG D 14 -4.44 -8.42 -7.53
N ASP D 15 -4.29 -9.74 -7.32
CA ASP D 15 -3.18 -10.29 -6.54
C ASP D 15 -2.98 -11.76 -6.81
N VAL D 16 -1.94 -12.07 -7.57
CA VAL D 16 -1.64 -13.48 -7.88
C VAL D 16 -1.22 -14.29 -6.66
N ALA D 17 -0.83 -13.62 -5.57
CA ALA D 17 -0.44 -14.30 -4.32
C ALA D 17 -1.57 -14.56 -3.37
N ARG D 18 -2.79 -14.13 -3.70
CA ARG D 18 -3.98 -14.32 -2.84
C ARG D 18 -3.79 -13.87 -1.38
N GLY D 19 -3.07 -12.77 -1.19
CA GLY D 19 -2.87 -12.22 0.15
C GLY D 19 -1.71 -12.81 0.91
N TYR D 20 -0.94 -13.72 0.29
CA TYR D 20 0.16 -14.35 1.00
C TYR D 20 1.45 -13.52 1.14
N GLU D 21 1.65 -12.53 0.28
CA GLU D 21 2.84 -11.67 0.40
C GLU D 21 2.51 -10.40 1.19
N ASN D 22 3.54 -9.62 1.54
CA ASN D 22 3.32 -8.36 2.29
C ASN D 22 2.50 -7.35 1.51
N VAL D 23 2.56 -7.45 0.18
CA VAL D 23 1.85 -6.55 -0.73
C VAL D 23 1.18 -7.35 -1.82
N PRO D 24 0.14 -6.79 -2.46
CA PRO D 24 -0.44 -7.46 -3.62
C PRO D 24 0.50 -7.45 -4.82
N ILE D 25 0.44 -8.50 -5.64
CA ILE D 25 1.18 -8.56 -6.89
C ILE D 25 0.14 -8.72 -8.00
N PRO D 26 -0.29 -7.59 -8.60
CA PRO D 26 -1.31 -7.68 -9.63
C PRO D 26 -0.79 -8.18 -10.97
N CYS D 27 -1.71 -8.62 -11.81
CA CYS D 27 -1.40 -9.09 -13.16
C CYS D 27 -2.17 -8.26 -14.16
N VAL D 28 -1.48 -7.79 -15.19
CA VAL D 28 -2.08 -7.03 -16.29
C VAL D 28 -1.69 -7.60 -17.63
N ASN D 29 -2.53 -7.34 -18.62
CA ASN D 29 -2.23 -7.72 -19.99
C ASN D 29 -2.69 -6.64 -20.95
N GLY D 30 -1.73 -6.03 -21.63
CA GLY D 30 -2.04 -5.05 -22.68
C GLY D 30 -1.63 -5.49 -24.07
N VAL D 31 -1.34 -6.78 -24.23
CA VAL D 31 -0.83 -7.33 -25.49
C VAL D 31 -1.86 -8.21 -26.20
N ASP D 32 -2.49 -9.13 -25.48
CA ASP D 32 -3.29 -10.19 -26.10
C ASP D 32 -4.44 -10.62 -25.20
N GLY D 33 -5.17 -11.65 -25.61
CA GLY D 33 -6.27 -12.17 -24.84
C GLY D 33 -5.92 -13.18 -23.76
N GLU D 34 -4.63 -13.50 -23.59
CA GLU D 34 -4.19 -14.53 -22.63
C GLU D 34 -4.68 -14.20 -21.22
N PRO D 35 -5.39 -15.13 -20.56
CA PRO D 35 -5.90 -14.84 -19.23
C PRO D 35 -4.79 -14.96 -18.19
N CYS D 36 -5.11 -14.61 -16.95
CA CYS D 36 -4.15 -14.73 -15.85
C CYS D 36 -3.66 -16.19 -15.77
N PRO D 37 -2.34 -16.41 -15.64
CA PRO D 37 -1.83 -17.79 -15.62
C PRO D 37 -2.33 -18.58 -14.41
N GLU D 38 -2.87 -19.77 -14.65
CA GLU D 38 -3.43 -20.62 -13.58
C GLU D 38 -2.97 -22.09 -13.71
N ASP D 39 -1.89 -22.34 -14.43
CA ASP D 39 -1.35 -23.70 -14.63
C ASP D 39 -0.26 -24.04 -13.60
N TYR D 40 -0.35 -23.42 -12.43
CA TYR D 40 0.58 -23.67 -11.34
C TYR D 40 -0.18 -23.23 -10.08
N LYS D 41 0.40 -23.55 -8.94
CA LYS D 41 -0.13 -23.17 -7.63
C LYS D 41 0.81 -22.13 -7.02
N TYR D 42 0.29 -20.92 -6.75
CA TYR D 42 1.10 -19.91 -6.10
C TYR D 42 1.33 -20.29 -4.64
N ILE D 43 2.60 -20.38 -4.25
CA ILE D 43 3.03 -20.60 -2.86
C ILE D 43 4.05 -19.52 -2.50
N SER D 44 3.97 -19.00 -1.29
CA SER D 44 4.88 -17.93 -0.88
CA SER D 44 4.83 -17.95 -0.79
C SER D 44 6.15 -18.47 -0.24
N GLU D 45 6.15 -19.73 0.20
CA GLU D 45 7.34 -20.34 0.75
C GLU D 45 7.56 -21.69 0.09
N ASN D 46 8.81 -22.14 0.07
CA ASN D 46 9.16 -23.43 -0.54
C ASN D 46 8.33 -24.56 0.01
N CYS D 47 7.99 -25.51 -0.85
CA CYS D 47 7.20 -26.68 -0.47
C CYS D 47 7.99 -27.95 -0.75
N GLU D 48 7.53 -29.07 -0.19
CA GLU D 48 8.08 -30.42 -0.41
C GLU D 48 6.95 -31.33 -0.92
N THR D 49 7.26 -32.24 -1.82
CA THR D 49 6.33 -33.30 -2.24
C THR D 49 6.86 -34.72 -1.94
N SER D 50 7.91 -34.77 -1.13
CA SER D 50 8.58 -36.00 -0.72
CA SER D 50 8.58 -35.99 -0.73
C SER D 50 9.48 -35.60 0.43
N THR D 51 9.85 -36.57 1.26
CA THR D 51 10.64 -36.31 2.46
C THR D 51 12.05 -35.82 2.12
N MET D 52 12.37 -34.60 2.52
CA MET D 52 13.71 -34.03 2.32
C MET D 52 14.60 -34.13 3.55
N ASN D 53 14.00 -34.36 4.72
CA ASN D 53 14.73 -34.50 5.97
C ASN D 53 15.66 -33.30 6.21
N ILE D 54 15.10 -32.11 6.08
CA ILE D 54 15.82 -30.89 6.35
C ILE D 54 16.18 -30.86 7.84
N ASP D 55 17.42 -30.47 8.15
CA ASP D 55 17.90 -30.39 9.54
C ASP D 55 17.28 -29.18 10.25
N ARG D 56 16.27 -29.43 11.08
CA ARG D 56 15.53 -28.38 11.77
C ARG D 56 15.79 -28.38 13.28
N ASN D 57 16.86 -29.05 13.71
CA ASN D 57 17.23 -29.11 15.13
C ASN D 57 17.72 -27.74 15.59
N ILE D 58 16.95 -27.13 16.50
CA ILE D 58 17.25 -25.79 16.99
C ILE D 58 18.65 -25.70 17.63
N THR D 59 19.13 -26.82 18.21
CA THR D 59 20.48 -26.87 18.81
C THR D 59 21.60 -26.93 17.77
N HIS D 60 21.28 -27.22 16.50
CA HIS D 60 22.30 -27.14 15.42
C HIS D 60 22.41 -25.75 14.82
N LEU D 61 21.56 -24.81 15.25
CA LEU D 61 21.68 -23.45 14.76
C LEU D 61 22.86 -22.69 15.34
N GLN D 62 23.69 -22.11 14.48
CA GLN D 62 24.65 -21.10 14.89
C GLN D 62 23.87 -19.81 15.04
N HIS D 63 24.28 -18.99 16.00
CA HIS D 63 23.44 -17.90 16.48
C HIS D 63 24.27 -16.93 17.28
N CYS D 64 23.75 -15.71 17.42
CA CYS D 64 24.46 -14.63 18.09
C CYS D 64 23.99 -14.34 19.50
N THR D 65 24.83 -13.60 20.23
CA THR D 65 24.52 -13.18 21.59
C THR D 65 24.17 -11.68 21.70
N CYS D 66 24.02 -10.98 20.57
CA CYS D 66 23.70 -9.56 20.56
C CYS D 66 22.38 -9.19 21.25
N VAL D 67 22.37 -8.08 21.98
CA VAL D 67 21.10 -7.42 22.41
C VAL D 67 20.92 -6.01 21.82
N ASP D 68 21.83 -5.59 20.96
CA ASP D 68 21.66 -4.36 20.20
C ASP D 68 20.93 -4.74 18.89
N ASP D 69 21.01 -3.90 17.86
CA ASP D 69 20.35 -4.19 16.60
C ASP D 69 21.15 -5.12 15.69
N CYS D 70 22.12 -5.87 16.23
CA CYS D 70 23.08 -6.66 15.42
C CYS D 70 23.86 -5.92 14.33
N SER D 71 24.26 -4.67 14.59
CA SER D 71 25.10 -3.93 13.62
C SER D 71 26.62 -3.94 13.94
N SER D 72 27.02 -4.49 15.08
CA SER D 72 28.44 -4.53 15.44
C SER D 72 29.12 -5.75 14.86
N SER D 73 30.44 -5.72 14.86
CA SER D 73 31.25 -6.82 14.36
C SER D 73 31.26 -8.05 15.30
N ASN D 74 30.72 -7.89 16.52
CA ASN D 74 30.63 -9.00 17.49
CA ASN D 74 30.61 -8.99 17.50
C ASN D 74 29.47 -9.97 17.17
N CYS D 75 28.60 -9.61 16.22
CA CYS D 75 27.50 -10.51 15.79
C CYS D 75 28.01 -11.77 15.07
N LEU D 76 27.85 -12.93 15.71
CA LEU D 76 28.31 -14.23 15.15
C LEU D 76 27.69 -14.54 13.78
N CYS D 77 26.41 -14.22 13.63
CA CYS D 77 25.68 -14.44 12.36
C CYS D 77 26.31 -13.67 11.18
N GLY D 78 26.61 -12.39 11.36
CA GLY D 78 27.31 -11.60 10.33
C GLY D 78 28.67 -12.22 10.01
N GLN D 79 29.40 -12.62 11.05
CA GLN D 79 30.72 -13.23 10.88
C GLN D 79 30.69 -14.54 10.09
N LEU D 80 29.58 -15.28 10.11
CA LEU D 80 29.43 -16.45 9.24
C LEU D 80 29.43 -16.09 7.76
N SER D 81 29.13 -14.81 7.44
CA SER D 81 29.20 -14.23 6.10
C SER D 81 30.48 -13.41 5.88
N ILE D 82 31.49 -13.56 6.76
CA ILE D 82 32.60 -12.61 6.95
C ILE D 82 32.11 -11.36 7.69
N ARG D 83 31.11 -10.69 7.13
CA ARG D 83 30.40 -9.60 7.81
C ARG D 83 28.94 -9.59 7.42
N CYS D 84 28.10 -8.92 8.21
CA CYS D 84 26.75 -8.62 7.76
C CYS D 84 26.89 -7.70 6.57
N TRP D 85 26.18 -8.01 5.48
CA TRP D 85 26.28 -7.22 4.24
C TRP D 85 25.14 -6.22 4.06
N TYR D 86 24.26 -6.12 5.04
CA TYR D 86 23.16 -5.18 4.97
C TYR D 86 23.49 -3.85 5.62
N ASP D 87 23.22 -2.76 4.90
CA ASP D 87 23.31 -1.41 5.46
C ASP D 87 22.09 -1.07 6.34
N LYS D 88 22.02 0.17 6.84
CA LYS D 88 20.96 0.59 7.76
C LYS D 88 19.52 0.42 7.24
N ASP D 89 19.32 0.51 5.92
CA ASP D 89 17.99 0.40 5.29
C ASP D 89 17.77 -0.98 4.63
N GLY D 90 18.55 -1.98 5.00
CA GLY D 90 18.34 -3.35 4.52
C GLY D 90 18.92 -3.65 3.15
N ARG D 91 19.80 -2.77 2.64
CA ARG D 91 20.41 -2.96 1.30
C ARG D 91 21.82 -3.54 1.36
N LEU D 92 22.18 -4.33 0.36
CA LEU D 92 23.53 -4.89 0.30
C LEU D 92 24.55 -3.75 0.15
N LEU D 93 25.71 -3.94 0.76
CA LEU D 93 26.78 -2.94 0.66
C LEU D 93 27.29 -2.86 -0.79
N GLN D 94 27.64 -1.65 -1.24
CA GLN D 94 28.26 -1.41 -2.57
C GLN D 94 29.36 -2.43 -2.95
N GLU D 95 30.13 -2.88 -1.95
CA GLU D 95 31.26 -3.80 -2.13
C GLU D 95 30.86 -5.26 -2.13
N PHE D 96 29.57 -5.56 -1.91
CA PHE D 96 29.09 -6.94 -1.97
C PHE D 96 29.52 -7.54 -3.31
N ASN D 97 30.04 -8.76 -3.24
CA ASN D 97 30.51 -9.47 -4.43
C ASN D 97 29.32 -10.03 -5.23
N LYS D 98 28.97 -9.36 -6.31
CA LYS D 98 27.81 -9.76 -7.13
C LYS D 98 28.05 -10.98 -8.01
N ILE D 99 29.30 -11.27 -8.37
CA ILE D 99 29.61 -12.40 -9.25
C ILE D 99 29.66 -13.71 -8.47
N GLU D 100 30.36 -13.70 -7.34
CA GLU D 100 30.38 -14.84 -6.42
C GLU D 100 29.94 -14.38 -5.04
N PRO D 101 28.61 -14.26 -4.82
CA PRO D 101 28.12 -13.88 -3.51
C PRO D 101 28.45 -14.90 -2.42
N PRO D 102 28.74 -14.42 -1.20
CA PRO D 102 28.91 -15.37 -0.09
C PRO D 102 27.55 -15.88 0.37
N LEU D 103 27.55 -16.95 1.17
CA LEU D 103 26.33 -17.42 1.85
C LEU D 103 25.98 -16.37 2.87
N ILE D 104 24.73 -15.96 2.93
CA ILE D 104 24.28 -15.09 4.02
C ILE D 104 23.61 -15.95 5.09
N PHE D 105 24.04 -15.75 6.34
CA PHE D 105 23.35 -16.32 7.51
C PHE D 105 22.60 -15.20 8.22
N GLU D 106 21.28 -15.18 8.08
CA GLU D 106 20.46 -14.24 8.85
C GLU D 106 20.25 -14.75 10.28
N CYS D 107 19.87 -13.82 11.14
CA CYS D 107 19.52 -14.16 12.51
C CYS D 107 18.28 -15.04 12.56
N ASN D 108 18.15 -15.74 13.65
CA ASN D 108 17.18 -16.82 13.73
C ASN D 108 16.62 -16.90 15.14
N GLN D 109 15.76 -17.87 15.33
CA GLN D 109 15.07 -18.08 16.59
C GLN D 109 15.99 -18.46 17.76
N ALA D 110 17.24 -18.85 17.48
CA ALA D 110 18.21 -19.15 18.56
C ALA D 110 18.98 -17.93 19.04
N CYS D 111 19.03 -16.87 18.22
CA CYS D 111 19.73 -15.63 18.56
C CYS D 111 19.06 -14.91 19.71
N SER D 112 19.88 -14.19 20.49
CA SER D 112 19.40 -13.41 21.64
CA SER D 112 19.38 -13.43 21.64
C SER D 112 18.75 -12.10 21.21
N CYS D 113 18.98 -11.70 19.94
CA CYS D 113 18.46 -10.42 19.43
C CYS D 113 16.94 -10.40 19.20
N TRP D 114 16.43 -9.21 18.90
CA TRP D 114 15.03 -9.03 18.52
C TRP D 114 14.75 -9.39 17.07
N ARG D 115 13.48 -9.71 16.78
CA ARG D 115 13.02 -10.04 15.43
C ARG D 115 13.17 -8.87 14.42
N ASN D 116 13.36 -7.65 14.92
CA ASN D 116 13.55 -6.47 14.07
C ASN D 116 15.02 -5.98 14.03
N CYS D 117 15.99 -6.88 14.26
CA CYS D 117 17.39 -6.48 14.12
C CYS D 117 17.72 -6.26 12.64
N LYS D 118 18.92 -5.78 12.36
CA LYS D 118 19.32 -5.44 11.00
C LYS D 118 19.75 -6.65 10.16
N ASN D 119 19.85 -7.84 10.75
CA ASN D 119 20.23 -9.02 9.97
C ASN D 119 19.01 -9.92 9.68
N ARG D 120 17.95 -9.33 9.16
CA ARG D 120 16.68 -10.07 8.92
C ARG D 120 15.90 -9.66 7.66
N VAL D 121 16.61 -9.17 6.66
CA VAL D 121 16.00 -8.60 5.45
C VAL D 121 15.12 -9.61 4.68
N VAL D 122 15.70 -10.75 4.32
CA VAL D 122 15.03 -11.74 3.48
C VAL D 122 13.85 -12.37 4.20
N GLN D 123 14.03 -12.71 5.46
CA GLN D 123 12.94 -13.25 6.27
C GLN D 123 11.74 -12.31 6.47
N SER D 124 11.96 -11.00 6.25
CA SER D 124 10.89 -10.00 6.36
C SER D 124 10.03 -9.85 5.10
N GLY D 125 10.47 -10.45 4.00
CA GLY D 125 9.64 -10.58 2.81
C GLY D 125 9.65 -9.42 1.82
N ILE D 126 8.70 -9.45 0.90
CA ILE D 126 8.70 -8.53 -0.23
C ILE D 126 8.31 -7.15 0.29
N LYS D 127 9.05 -6.13 -0.11
CA LYS D 127 8.68 -4.74 0.20
C LYS D 127 8.49 -3.89 -1.05
N VAL D 128 9.16 -4.23 -2.16
CA VAL D 128 9.00 -3.48 -3.40
C VAL D 128 7.71 -3.87 -4.10
N ARG D 129 7.18 -2.94 -4.87
CA ARG D 129 5.97 -3.14 -5.65
CA ARG D 129 5.97 -3.14 -5.65
C ARG D 129 6.31 -3.70 -7.03
N LEU D 130 5.83 -4.90 -7.30
CA LEU D 130 6.06 -5.61 -8.55
C LEU D 130 4.75 -5.87 -9.23
N GLN D 131 4.81 -6.18 -10.51
CA GLN D 131 3.65 -6.50 -11.32
C GLN D 131 4.00 -7.58 -12.34
N LEU D 132 3.12 -8.58 -12.44
CA LEU D 132 3.20 -9.60 -13.47
C LEU D 132 2.49 -8.98 -14.67
N TYR D 133 3.14 -9.01 -15.83
CA TYR D 133 2.54 -8.40 -17.02
C TYR D 133 2.91 -9.19 -18.26
N ARG D 134 2.18 -8.92 -19.32
CA ARG D 134 2.40 -9.62 -20.57
C ARG D 134 3.38 -8.84 -21.39
N THR D 135 4.50 -9.49 -21.70
CA THR D 135 5.58 -8.89 -22.47
C THR D 135 5.24 -8.96 -23.95
N ALA D 136 6.02 -8.24 -24.76
CA ALA D 136 5.79 -8.19 -26.20
C ALA D 136 6.13 -9.50 -26.90
N LYS D 137 7.21 -10.15 -26.47
CA LYS D 137 7.76 -11.35 -27.16
C LYS D 137 8.14 -12.55 -26.26
N MET D 138 8.04 -12.41 -24.95
CA MET D 138 8.68 -13.33 -24.03
C MET D 138 7.67 -13.92 -23.03
N GLY D 139 6.41 -14.06 -23.45
CA GLY D 139 5.34 -14.50 -22.55
C GLY D 139 5.12 -13.53 -21.41
N TRP D 140 4.82 -14.07 -20.22
CA TRP D 140 4.72 -13.25 -18.99
C TRP D 140 6.11 -12.85 -18.50
N GLY D 141 6.17 -11.71 -17.81
CA GLY D 141 7.35 -11.27 -17.11
C GLY D 141 6.96 -10.43 -15.90
N VAL D 142 7.97 -9.98 -15.16
CA VAL D 142 7.77 -9.25 -13.95
C VAL D 142 8.49 -7.92 -14.05
N ARG D 143 7.79 -6.85 -13.68
CA ARG D 143 8.39 -5.53 -13.71
C ARG D 143 8.15 -4.74 -12.44
N ALA D 144 9.04 -3.78 -12.24
CA ALA D 144 9.00 -2.88 -11.11
C ALA D 144 7.97 -1.81 -11.33
N LEU D 145 7.20 -1.50 -10.28
CA LEU D 145 6.24 -0.38 -10.28
C LEU D 145 6.78 0.88 -9.57
N GLN D 146 8.04 0.86 -9.19
CA GLN D 146 8.69 1.95 -8.46
C GLN D 146 10.17 1.90 -8.77
N THR D 147 10.90 2.96 -8.45
CA THR D 147 12.35 2.93 -8.54
C THR D 147 12.87 2.05 -7.40
N ILE D 148 13.85 1.22 -7.72
CA ILE D 148 14.47 0.33 -6.76
C ILE D 148 16.00 0.52 -6.72
N PRO D 149 16.53 1.04 -5.59
CA PRO D 149 17.99 1.17 -5.51
C PRO D 149 18.76 -0.15 -5.53
N GLN D 150 20.00 -0.07 -6.00
CA GLN D 150 20.97 -1.16 -5.91
C GLN D 150 21.02 -1.79 -4.52
N GLY D 151 21.12 -3.12 -4.50
CA GLY D 151 21.26 -3.87 -3.26
C GLY D 151 19.97 -4.13 -2.50
N THR D 152 18.82 -3.78 -3.09
CA THR D 152 17.54 -3.98 -2.42
C THR D 152 17.07 -5.40 -2.63
N PHE D 153 16.53 -6.02 -1.58
CA PHE D 153 15.87 -7.31 -1.72
C PHE D 153 14.58 -7.18 -2.52
N ILE D 154 14.45 -8.05 -3.53
CA ILE D 154 13.32 -8.04 -4.43
C ILE D 154 12.27 -9.10 -4.06
N CYS D 155 12.64 -10.38 -4.24
CA CYS D 155 11.83 -11.55 -3.92
C CYS D 155 12.71 -12.81 -3.84
N GLU D 156 12.13 -13.88 -3.34
CA GLU D 156 12.80 -15.16 -3.22
C GLU D 156 12.40 -16.04 -4.40
N TYR D 157 13.30 -16.90 -4.86
CA TYR D 157 12.95 -17.92 -5.85
C TYR D 157 12.30 -19.10 -5.11
N VAL D 158 10.98 -19.22 -5.23
CA VAL D 158 10.21 -20.18 -4.43
C VAL D 158 9.67 -21.26 -5.32
N GLY D 159 9.68 -22.49 -4.82
CA GLY D 159 9.04 -23.58 -5.51
C GLY D 159 9.14 -24.89 -4.73
N GLU D 160 9.14 -25.99 -5.48
CA GLU D 160 9.11 -27.34 -4.96
C GLU D 160 10.56 -27.79 -4.87
N LEU D 161 10.98 -28.20 -3.68
CA LEU D 161 12.32 -28.74 -3.47
C LEU D 161 12.34 -30.16 -4.03
N ILE D 162 13.28 -30.44 -4.93
CA ILE D 162 13.41 -31.79 -5.52
C ILE D 162 14.86 -32.18 -5.56
N SER D 163 15.09 -33.50 -5.58
CA SER D 163 16.46 -34.03 -5.72
C SER D 163 16.91 -33.94 -7.19
N ASP D 164 18.21 -34.08 -7.38
CA ASP D 164 18.85 -34.29 -8.70
C ASP D 164 18.15 -35.38 -9.53
N ALA D 165 17.91 -36.53 -8.90
CA ALA D 165 17.24 -37.67 -9.53
C ALA D 165 15.79 -37.37 -9.97
N GLU D 166 15.08 -36.57 -9.17
CA GLU D 166 13.73 -36.19 -9.52
C GLU D 166 13.74 -35.20 -10.67
N ALA D 167 14.62 -34.21 -10.62
CA ALA D 167 14.82 -33.28 -11.76
C ALA D 167 15.11 -34.03 -13.09
N ASP D 168 15.90 -35.10 -13.01
CA ASP D 168 16.25 -35.92 -14.20
C ASP D 168 15.07 -36.63 -14.86
N VAL D 169 13.96 -36.84 -14.16
CA VAL D 169 12.78 -37.49 -14.77
C VAL D 169 11.62 -36.56 -15.13
N ARG D 170 11.76 -35.27 -14.86
CA ARG D 170 10.71 -34.30 -15.18
C ARG D 170 10.82 -33.75 -16.61
N GLU D 171 9.64 -33.64 -17.24
CA GLU D 171 9.49 -33.26 -18.65
C GLU D 171 9.79 -31.78 -18.87
N ASP D 172 9.19 -30.92 -18.06
CA ASP D 172 9.35 -29.47 -18.22
C ASP D 172 10.39 -28.96 -17.24
N ASP D 173 11.57 -28.62 -17.76
CA ASP D 173 12.69 -28.10 -16.95
C ASP D 173 12.96 -26.58 -17.13
N SER D 174 11.96 -25.83 -17.55
CA SER D 174 12.11 -24.39 -17.84
C SER D 174 11.96 -23.51 -16.61
N TYR D 175 11.53 -24.10 -15.48
CA TYR D 175 11.34 -23.38 -14.21
C TYR D 175 12.19 -24.02 -13.09
N LEU D 176 13.44 -24.37 -13.39
CA LEU D 176 14.31 -25.11 -12.45
C LEU D 176 15.41 -24.20 -12.03
N PHE D 177 15.67 -24.14 -10.72
CA PHE D 177 16.86 -23.47 -10.20
C PHE D 177 17.73 -24.48 -9.45
N ASP D 178 19.02 -24.56 -9.81
CA ASP D 178 19.98 -25.48 -9.18
C ASP D 178 20.53 -24.95 -7.87
N LEU D 179 20.49 -25.80 -6.83
CA LEU D 179 21.18 -25.55 -5.56
C LEU D 179 22.42 -26.48 -5.51
N ASP D 180 23.50 -26.07 -6.17
CA ASP D 180 24.70 -26.94 -6.34
C ASP D 180 25.35 -27.34 -5.01
N GLU D 185 24.98 -35.22 -2.47
CA GLU D 185 23.65 -35.06 -3.05
C GLU D 185 23.37 -33.58 -3.31
N VAL D 186 22.73 -33.31 -4.45
CA VAL D 186 22.42 -31.96 -4.92
C VAL D 186 20.92 -31.86 -5.14
N TYR D 187 20.38 -30.64 -4.99
CA TYR D 187 18.94 -30.41 -5.05
C TYR D 187 18.58 -29.19 -5.91
N CYS D 188 17.31 -29.13 -6.30
CA CYS D 188 16.78 -28.09 -7.18
C CYS D 188 15.51 -27.50 -6.56
N ILE D 189 15.23 -26.23 -6.88
CA ILE D 189 13.88 -25.69 -6.73
C ILE D 189 13.18 -25.78 -8.08
N ASP D 190 12.08 -26.53 -8.16
CA ASP D 190 11.27 -26.62 -9.40
C ASP D 190 10.03 -25.76 -9.20
N ALA D 191 9.94 -24.65 -9.94
CA ALA D 191 8.77 -23.75 -9.82
C ALA D 191 7.70 -24.00 -10.92
N ARG D 192 7.76 -25.14 -11.63
CA ARG D 192 6.80 -25.43 -12.69
C ARG D 192 5.38 -25.60 -12.14
N TYR D 193 5.21 -26.39 -11.09
CA TYR D 193 3.88 -26.70 -10.55
C TYR D 193 3.52 -25.92 -9.31
N TYR D 194 4.52 -25.57 -8.51
CA TYR D 194 4.37 -24.73 -7.31
C TYR D 194 5.44 -23.69 -7.33
N GLY D 195 5.08 -22.41 -7.22
CA GLY D 195 6.07 -21.33 -7.27
C GLY D 195 5.50 -20.00 -6.87
N ASN D 196 6.35 -19.01 -6.68
CA ASN D 196 5.85 -17.63 -6.44
C ASN D 196 6.08 -16.77 -7.68
N ILE D 197 6.06 -15.45 -7.48
CA ILE D 197 6.26 -14.49 -8.55
C ILE D 197 7.57 -14.69 -9.34
N SER D 198 8.62 -15.18 -8.68
CA SER D 198 9.92 -15.42 -9.34
C SER D 198 9.86 -16.39 -10.53
N ARG D 199 8.90 -17.28 -10.55
CA ARG D 199 8.80 -18.23 -11.68
C ARG D 199 8.53 -17.53 -13.00
N PHE D 200 8.02 -16.29 -12.93
CA PHE D 200 7.74 -15.49 -14.13
C PHE D 200 8.87 -14.58 -14.57
N ILE D 201 9.99 -14.53 -13.84
CA ILE D 201 11.09 -13.63 -14.18
C ILE D 201 11.89 -14.20 -15.36
N ASN D 202 12.03 -13.39 -16.40
CA ASN D 202 12.78 -13.79 -17.61
C ASN D 202 14.30 -13.70 -17.45
N HIS D 203 15.00 -14.30 -18.40
CA HIS D 203 16.44 -14.29 -18.43
C HIS D 203 17.01 -13.01 -19.04
N LEU D 204 18.04 -12.45 -18.38
CA LEU D 204 18.87 -11.35 -18.94
C LEU D 204 20.36 -11.68 -18.82
N CYS D 205 21.10 -11.50 -19.91
CA CYS D 205 22.55 -11.73 -19.91
C CYS D 205 23.31 -10.65 -19.14
N ASP D 206 22.72 -9.46 -19.08
CA ASP D 206 23.14 -8.38 -18.22
C ASP D 206 22.03 -8.20 -17.17
N PRO D 207 22.04 -9.05 -16.14
CA PRO D 207 20.86 -9.05 -15.26
C PRO D 207 20.80 -7.83 -14.34
N ASN D 208 19.60 -7.40 -14.00
CA ASN D 208 19.41 -6.36 -12.99
C ASN D 208 19.07 -6.92 -11.60
N ILE D 209 19.00 -8.25 -11.46
CA ILE D 209 18.93 -8.89 -10.14
C ILE D 209 19.89 -10.08 -10.08
N ILE D 210 20.41 -10.35 -8.88
CA ILE D 210 21.33 -11.46 -8.66
C ILE D 210 20.84 -12.40 -7.54
N PRO D 211 21.00 -13.72 -7.72
CA PRO D 211 20.59 -14.68 -6.70
C PRO D 211 21.66 -14.86 -5.63
N VAL D 212 21.22 -14.84 -4.37
CA VAL D 212 22.09 -14.96 -3.20
C VAL D 212 21.53 -16.06 -2.34
N ARG D 213 22.40 -16.95 -1.86
CA ARG D 213 22.00 -18.10 -1.05
C ARG D 213 21.91 -17.63 0.40
N VAL D 214 20.79 -17.88 1.06
CA VAL D 214 20.53 -17.32 2.40
C VAL D 214 19.98 -18.42 3.30
N PHE D 215 20.30 -18.31 4.58
CA PHE D 215 19.83 -19.22 5.60
C PHE D 215 19.13 -18.42 6.68
N MET D 216 17.97 -18.90 7.10
CA MET D 216 17.14 -18.21 8.07
C MET D 216 16.76 -19.17 9.17
N LEU D 217 15.62 -19.87 9.05
CA LEU D 217 15.10 -20.71 10.14
C LEU D 217 15.85 -22.02 10.37
N HIS D 218 16.64 -22.43 9.39
CA HIS D 218 17.49 -23.62 9.47
C HIS D 218 18.79 -23.29 8.79
N GLN D 219 19.80 -24.09 9.10
CA GLN D 219 21.12 -23.96 8.47
C GLN D 219 21.63 -25.25 7.81
N ASP D 220 20.69 -26.07 7.35
CA ASP D 220 20.98 -27.16 6.44
C ASP D 220 21.52 -26.66 5.07
N LEU D 221 22.84 -26.80 4.86
CA LEU D 221 23.54 -26.28 3.67
C LEU D 221 23.09 -26.85 2.34
N ARG D 222 22.41 -27.99 2.34
CA ARG D 222 21.81 -28.55 1.11
C ARG D 222 20.68 -27.67 0.57
N PHE D 223 20.04 -26.89 1.44
CA PHE D 223 18.79 -26.21 1.11
C PHE D 223 18.89 -24.73 1.39
N PRO D 224 19.81 -24.04 0.72
CA PRO D 224 19.82 -22.61 0.83
C PRO D 224 18.54 -22.08 0.20
N ARG D 225 18.09 -20.93 0.70
CA ARG D 225 16.99 -20.19 0.10
C ARG D 225 17.59 -19.17 -0.85
N ILE D 226 16.93 -18.97 -1.98
CA ILE D 226 17.46 -18.16 -3.07
C ILE D 226 16.80 -16.77 -3.08
N ALA D 227 17.56 -15.75 -2.70
CA ALA D 227 17.08 -14.40 -2.57
C ALA D 227 17.63 -13.54 -3.69
N PHE D 228 16.74 -12.87 -4.44
CA PHE D 228 17.17 -11.93 -5.49
C PHE D 228 17.31 -10.51 -4.89
N PHE D 229 18.47 -9.90 -5.17
CA PHE D 229 18.72 -8.50 -4.86
C PHE D 229 19.02 -7.78 -6.16
N SER D 230 18.56 -6.54 -6.26
CA SER D 230 18.94 -5.66 -7.40
C SER D 230 20.47 -5.51 -7.48
N SER D 231 21.04 -5.73 -8.68
CA SER D 231 22.49 -5.60 -8.90
C SER D 231 22.89 -4.16 -9.27
N ARG D 232 21.87 -3.33 -9.53
CA ARG D 232 22.03 -1.92 -9.87
CA ARG D 232 22.06 -1.91 -9.78
C ARG D 232 20.72 -1.20 -9.61
N ASP D 233 20.71 0.13 -9.73
CA ASP D 233 19.47 0.88 -9.66
C ASP D 233 18.54 0.41 -10.80
N ILE D 234 17.27 0.20 -10.47
CA ILE D 234 16.24 -0.24 -11.42
C ILE D 234 15.18 0.86 -11.54
N ARG D 235 14.78 1.18 -12.76
CA ARG D 235 13.81 2.24 -13.03
C ARG D 235 12.38 1.74 -12.98
N THR D 236 11.47 2.66 -12.66
CA THR D 236 10.03 2.37 -12.75
C THR D 236 9.70 1.83 -14.14
N GLY D 237 8.96 0.71 -14.16
CA GLY D 237 8.57 0.05 -15.40
C GLY D 237 9.56 -0.93 -15.99
N GLU D 238 10.75 -1.01 -15.40
CA GLU D 238 11.80 -1.90 -15.88
C GLU D 238 11.44 -3.37 -15.57
N GLU D 239 11.62 -4.23 -16.57
CA GLU D 239 11.46 -5.66 -16.38
C GLU D 239 12.64 -6.25 -15.61
N LEU D 240 12.31 -7.11 -14.64
CA LEU D 240 13.30 -7.81 -13.86
C LEU D 240 13.89 -8.92 -14.69
N GLY D 241 15.16 -9.19 -14.50
CA GLY D 241 15.78 -10.36 -15.14
C GLY D 241 17.02 -10.82 -14.44
N PHE D 242 17.13 -12.14 -14.25
CA PHE D 242 18.37 -12.76 -13.74
C PHE D 242 19.01 -13.64 -14.79
N ASP D 243 20.28 -13.96 -14.56
CA ASP D 243 21.06 -14.82 -15.45
C ASP D 243 20.75 -16.28 -15.04
N TYR D 244 19.97 -16.96 -15.87
CA TYR D 244 19.64 -18.37 -15.77
C TYR D 244 20.84 -19.30 -15.75
N GLY D 245 21.94 -18.85 -16.37
CA GLY D 245 23.21 -19.56 -16.33
C GLY D 245 23.42 -20.46 -17.53
N ASP D 246 24.63 -20.99 -17.62
CA ASP D 246 25.03 -21.80 -18.78
C ASP D 246 24.34 -23.14 -18.91
N ARG D 247 23.98 -23.79 -17.80
CA ARG D 247 23.33 -25.09 -17.89
C ARG D 247 21.94 -24.98 -18.54
N PHE D 248 21.20 -23.94 -18.18
CA PHE D 248 19.94 -23.62 -18.85
C PHE D 248 20.12 -23.51 -20.38
N TRP D 249 21.04 -22.64 -20.77
CA TRP D 249 21.25 -22.32 -22.19
C TRP D 249 21.92 -23.43 -22.98
N ASP D 250 22.80 -24.21 -22.35
CA ASP D 250 23.40 -25.34 -23.06
C ASP D 250 22.35 -26.39 -23.41
N ILE D 251 21.33 -26.52 -22.56
CA ILE D 251 20.20 -27.38 -22.86
C ILE D 251 19.21 -26.73 -23.84
N LYS D 252 18.89 -25.44 -23.64
CA LYS D 252 17.78 -24.80 -24.38
C LYS D 252 18.16 -24.23 -25.74
N SER D 253 19.45 -23.95 -25.94
CA SER D 253 19.95 -23.35 -27.20
C SER D 253 19.47 -24.02 -28.47
N LYS D 254 19.34 -25.35 -28.45
CA LYS D 254 18.85 -26.09 -29.63
C LYS D 254 17.36 -25.90 -29.93
N TYR D 255 16.59 -25.33 -28.99
CA TYR D 255 15.17 -25.02 -29.20
C TYR D 255 14.88 -23.53 -29.42
N PHE D 256 15.62 -22.67 -28.74
CA PHE D 256 15.51 -21.22 -28.91
C PHE D 256 16.77 -20.57 -28.40
N THR D 257 16.98 -19.32 -28.81
CA THR D 257 18.11 -18.53 -28.40
C THR D 257 17.60 -17.28 -27.68
N CYS D 258 18.54 -16.57 -27.08
CA CYS D 258 18.24 -15.49 -26.18
C CYS D 258 17.81 -14.23 -26.92
N GLN D 259 16.69 -13.66 -26.50
CA GLN D 259 16.21 -12.39 -27.04
C GLN D 259 16.29 -11.25 -26.05
N CYS D 260 17.23 -11.30 -25.10
CA CYS D 260 17.38 -10.22 -24.12
C CYS D 260 17.73 -8.87 -24.73
N GLY D 261 18.31 -8.87 -25.93
CA GLY D 261 18.57 -7.63 -26.67
C GLY D 261 19.71 -6.79 -26.13
N SER D 262 20.61 -7.38 -25.35
CA SER D 262 21.75 -6.65 -24.79
C SER D 262 22.96 -6.76 -25.72
N GLU D 263 23.75 -5.68 -25.76
CA GLU D 263 25.12 -5.68 -26.29
C GLU D 263 26.00 -6.78 -25.65
N LYS D 264 25.80 -7.03 -24.35
CA LYS D 264 26.55 -8.06 -23.62
C LYS D 264 25.94 -9.47 -23.73
N CYS D 265 24.95 -9.68 -24.59
CA CYS D 265 24.29 -10.98 -24.70
C CYS D 265 25.30 -12.09 -25.04
N LYS D 266 25.18 -13.21 -24.34
CA LYS D 266 26.08 -14.36 -24.51
C LYS D 266 25.39 -15.57 -25.12
N HIS D 267 24.10 -15.46 -25.42
CA HIS D 267 23.26 -16.63 -25.78
C HIS D 267 22.33 -16.40 -26.96
N SER D 268 22.54 -15.33 -27.70
CA SER D 268 21.80 -15.07 -28.93
C SER D 268 22.41 -15.97 -30.00
N ALA D 269 21.75 -16.07 -31.14
CA ALA D 269 22.36 -16.76 -32.29
C ALA D 269 23.67 -16.04 -32.70
N GLU D 270 23.61 -14.71 -32.80
CA GLU D 270 24.76 -13.88 -33.19
C GLU D 270 25.93 -13.83 -32.18
N ALA D 271 25.67 -14.16 -30.91
CA ALA D 271 26.74 -14.27 -29.89
C ALA D 271 27.41 -15.64 -29.93
N ILE D 272 26.61 -16.69 -30.07
CA ILE D 272 27.13 -18.06 -30.13
C ILE D 272 27.79 -18.32 -31.48
#